data_2Z5O
#
_entry.id   2Z5O
#
_cell.length_a   132.306
_cell.length_b   169.805
_cell.length_c   68.458
_cell.angle_alpha   90.00
_cell.angle_beta   90.00
_cell.angle_gamma   90.00
#
_symmetry.space_group_name_H-M   'P 21 21 2'
#
loop_
_entity.id
_entity.type
_entity.pdbx_description
1 polymer Transportin-1
2 polymer 'Heterogeneous nuclear ribonucleoprotein D-like'
#
loop_
_entity_poly.entity_id
_entity_poly.type
_entity_poly.pdbx_seq_one_letter_code
_entity_poly.pdbx_strand_id
1 'polypeptide(L)'
;MEYEWKPDEQGLQQILQLLKESQSPDTTIQRTVQQKLEQLNQYPDFNNYLIFVLTKLKSEDEPTRSLSGLILKNNVKAHF
QNFPNGVTDFIKSECLNNIGDSSPLIRATVGILITTIASKGELQNWPDLLPKLCSLLDSEDYNTCEGAFGALQKICEDSA
EILDSDVLDRPLNIMIPKFLQFFKHSSPKIRSHAVACVNQFIISRTQALMLHIDSFIENLFALAGDEEPEVRKNVCRALV
MLLEVRMDRLLPHMHNIVEYMLQRTQDQDENVALEACEFWLTLAEQPICKDVLVRHLPKLIPVLVNGMKYSDIDIILLKG
DVEEDETIPDSEQDIRPRFHRSRTVAQQHDEDGIEEEDDDDDEIDDDDTISDWNLRKCSAAALDVLANVYRDELLPHILP
LLKELLFHHEWVVKESGILVLGAIAEGCMQGMIPYLPELIPHLIQCLSDKKALVRSITCWTLSRYAHWVVSQPPDTYLKP
LMTELLKRILDSNKRVQEAACSAFATLEEEACTELVPYLAYILDTLVFAFSKYQHKNLLILYDAIGTLADSVGHHLNKPE
YIQMLMPPLIQKWNMLKDEDKDLFPLLECLSSVATALQSGFLPYCEPVYQRCVNLVQKTLAQAMLNNAQPDQYEAPDKDF
MIVALDLLSGLAEGLGGNIEQLVARSNILTLMYQCMQDKMPEVRQSSFALLGDLTKACFQHVKPCIADFMPILGTNLNPE
FISVCNNATWAIGEISIQMGIEMQPYIPMVLHQLVEIINRPNTPKTLLENTAITIGRLGYVCPQEVAPMLQQFIRPWCTS
LRNIRDNEEKDSAFRGICTMISVNPSGVIQDFIFFCDAVASWINPKDDLRDMFCKILHGFKNQVGDENWRRFSDQFPLPL
KERLAAFYGV
;
A
2 'polypeptide(L)' (UNK)(UNK)(UNK)(UNK)(UNK)(UNK)(UNK)(UNK)(UNK)(UNK) B
#
# COMPACT_ATOMS: atom_id res chain seq x y z
N LYS A 6 -45.67 7.02 -29.45
CA LYS A 6 -46.88 7.33 -30.26
C LYS A 6 -47.55 6.07 -30.85
N PRO A 7 -47.27 4.88 -30.26
CA PRO A 7 -47.51 3.62 -30.96
C PRO A 7 -48.85 2.90 -30.71
N ASP A 8 -48.97 1.72 -31.32
CA ASP A 8 -50.16 0.85 -31.32
C ASP A 8 -49.79 -0.44 -32.08
N GLU A 9 -50.56 -1.53 -31.98
CA GLU A 9 -51.59 -1.80 -30.97
C GLU A 9 -51.63 -3.32 -30.81
N GLN A 10 -51.29 -4.01 -31.90
CA GLN A 10 -51.01 -5.44 -31.84
C GLN A 10 -49.57 -5.61 -31.35
N GLY A 11 -48.72 -4.66 -31.71
CA GLY A 11 -47.34 -4.61 -31.23
C GLY A 11 -47.30 -4.35 -29.74
N LEU A 12 -48.17 -3.47 -29.28
CA LEU A 12 -48.38 -3.22 -27.85
C LEU A 12 -48.83 -4.50 -27.17
N GLN A 13 -49.76 -5.21 -27.81
CA GLN A 13 -50.25 -6.49 -27.32
C GLN A 13 -49.20 -7.60 -27.38
N GLN A 14 -48.27 -7.49 -28.33
CA GLN A 14 -47.18 -8.45 -28.41
C GLN A 14 -46.12 -8.15 -27.35
N ILE A 15 -46.02 -6.89 -26.95
CA ILE A 15 -45.11 -6.50 -25.86
C ILE A 15 -45.73 -6.80 -24.50
N LEU A 16 -47.05 -6.65 -24.39
CA LEU A 16 -47.78 -6.98 -23.16
C LEU A 16 -47.69 -8.47 -22.84
N GLN A 17 -47.83 -9.30 -23.87
CA GLN A 17 -47.67 -10.74 -23.74
C GLN A 17 -46.21 -11.09 -23.42
N LEU A 18 -45.30 -10.33 -24.01
CA LEU A 18 -43.86 -10.49 -23.77
C LEU A 18 -43.50 -10.15 -22.33
N LEU A 19 -44.17 -9.13 -21.79
CA LEU A 19 -44.00 -8.75 -20.40
C LEU A 19 -44.62 -9.76 -19.45
N LYS A 20 -45.72 -10.37 -19.89
CA LYS A 20 -46.40 -11.41 -19.12
C LYS A 20 -45.51 -12.64 -18.98
N GLU A 21 -45.00 -13.13 -20.12
CA GLU A 21 -44.22 -14.37 -20.18
C GLU A 21 -42.95 -14.33 -19.33
N SER A 22 -42.33 -13.15 -19.23
CA SER A 22 -41.10 -12.96 -18.47
C SER A 22 -41.34 -12.91 -16.96
N GLN A 23 -42.58 -13.15 -16.55
CA GLN A 23 -42.96 -13.20 -15.14
C GLN A 23 -43.40 -14.61 -14.72
N SER A 24 -43.43 -15.52 -15.70
CA SER A 24 -43.89 -16.90 -15.52
C SER A 24 -43.14 -17.68 -14.43
N PRO A 25 -43.75 -18.78 -13.93
CA PRO A 25 -43.17 -19.58 -12.85
C PRO A 25 -41.78 -20.16 -13.17
N ASP A 26 -41.71 -21.09 -14.12
CA ASP A 26 -40.48 -21.84 -14.41
C ASP A 26 -39.39 -21.02 -15.11
N THR A 27 -38.13 -21.41 -14.89
CA THR A 27 -36.96 -20.71 -15.46
C THR A 27 -36.73 -21.06 -16.92
N THR A 28 -37.23 -22.23 -17.34
CA THR A 28 -37.11 -22.68 -18.74
C THR A 28 -37.73 -21.66 -19.70
N ILE A 29 -38.97 -21.25 -19.42
CA ILE A 29 -39.69 -20.28 -20.26
C ILE A 29 -39.25 -18.84 -19.96
N GLN A 30 -38.76 -18.61 -18.74
CA GLN A 30 -38.32 -17.28 -18.30
C GLN A 30 -37.05 -16.79 -19.01
N ARG A 31 -36.05 -17.65 -19.13
CA ARG A 31 -34.76 -17.30 -19.70
C ARG A 31 -34.63 -17.75 -21.15
N THR A 32 -35.74 -17.68 -21.87
CA THR A 32 -35.80 -17.92 -23.32
C THR A 32 -36.65 -16.84 -23.99
N VAL A 33 -37.45 -16.16 -23.17
CA VAL A 33 -38.26 -15.03 -23.60
C VAL A 33 -37.41 -13.76 -23.56
N GLN A 34 -36.61 -13.61 -22.49
CA GLN A 34 -35.67 -12.49 -22.34
C GLN A 34 -34.75 -12.31 -23.55
N GLN A 35 -34.74 -13.32 -24.42
CA GLN A 35 -34.04 -13.26 -25.70
C GLN A 35 -34.75 -12.29 -26.63
N LYS A 36 -36.06 -12.49 -26.79
CA LYS A 36 -36.89 -11.62 -27.64
C LYS A 36 -36.95 -10.17 -27.13
N LEU A 37 -36.79 -10.00 -25.82
CA LEU A 37 -36.74 -8.69 -25.18
C LEU A 37 -35.55 -7.84 -25.64
N GLU A 38 -34.53 -8.50 -26.19
CA GLU A 38 -33.33 -7.81 -26.64
C GLU A 38 -33.06 -7.93 -28.15
N GLN A 39 -33.90 -8.71 -28.83
CA GLN A 39 -33.85 -8.75 -30.30
C GLN A 39 -34.70 -7.62 -30.88
N LEU A 40 -35.60 -7.09 -30.06
CA LEU A 40 -36.35 -5.88 -30.36
C LEU A 40 -35.58 -4.66 -29.86
N ASN A 41 -34.77 -4.88 -28.83
CA ASN A 41 -33.89 -3.87 -28.22
C ASN A 41 -33.10 -3.04 -29.22
N GLN A 42 -32.73 -3.63 -30.35
CA GLN A 42 -32.01 -2.91 -31.37
C GLN A 42 -32.88 -1.85 -32.05
N TYR A 43 -34.15 -2.17 -32.26
CA TYR A 43 -35.11 -1.22 -32.84
C TYR A 43 -35.48 -0.18 -31.80
N PRO A 44 -35.03 1.07 -31.99
CA PRO A 44 -35.20 2.11 -30.97
C PRO A 44 -36.67 2.43 -30.67
N ASP A 45 -37.55 2.12 -31.62
CA ASP A 45 -39.00 2.28 -31.48
C ASP A 45 -39.54 1.43 -30.32
N PHE A 46 -38.81 0.37 -29.98
CA PHE A 46 -39.13 -0.51 -28.86
C PHE A 46 -39.34 0.29 -27.57
N ASN A 47 -38.34 1.08 -27.20
CA ASN A 47 -38.35 1.86 -25.97
C ASN A 47 -39.55 2.80 -25.81
N ASN A 48 -40.12 3.23 -26.94
CA ASN A 48 -41.33 4.04 -26.94
C ASN A 48 -42.52 3.27 -26.36
N TYR A 49 -42.59 1.96 -26.66
CA TYR A 49 -43.60 1.10 -26.07
C TYR A 49 -43.35 0.93 -24.58
N LEU A 50 -42.10 0.70 -24.20
CA LEU A 50 -41.74 0.42 -22.80
C LEU A 50 -42.13 1.54 -21.85
N ILE A 51 -41.81 2.77 -22.22
CA ILE A 51 -42.13 3.95 -21.40
C ILE A 51 -43.64 4.19 -21.33
N PHE A 52 -44.33 3.91 -22.43
CA PHE A 52 -45.78 4.03 -22.54
C PHE A 52 -46.51 3.12 -21.57
N VAL A 53 -46.16 1.83 -21.59
CA VAL A 53 -46.74 0.82 -20.71
C VAL A 53 -46.65 1.24 -19.24
N LEU A 54 -45.46 1.66 -18.82
CA LEU A 54 -45.21 2.13 -17.46
C LEU A 54 -46.09 3.32 -17.10
N THR A 55 -45.98 4.38 -17.90
CA THR A 55 -46.48 5.69 -17.49
C THR A 55 -47.90 6.03 -17.93
N LYS A 56 -48.33 5.51 -19.08
CA LYS A 56 -49.65 5.81 -19.62
C LYS A 56 -50.67 4.67 -19.46
N LEU A 57 -50.24 3.44 -19.73
CA LEU A 57 -51.15 2.30 -19.78
C LEU A 57 -51.57 1.86 -18.38
N LYS A 58 -52.45 2.66 -17.78
CA LYS A 58 -52.89 2.43 -16.41
C LYS A 58 -53.92 1.30 -16.31
N SER A 59 -54.36 0.80 -17.46
CA SER A 59 -55.28 -0.35 -17.52
C SER A 59 -54.57 -1.69 -17.21
N GLU A 60 -53.33 -1.63 -16.74
CA GLU A 60 -52.54 -2.80 -16.39
C GLU A 60 -52.07 -2.72 -14.94
N ASP A 61 -51.80 -3.87 -14.33
CA ASP A 61 -51.36 -3.92 -12.93
C ASP A 61 -49.96 -3.34 -12.76
N GLU A 62 -49.64 -3.02 -11.51
CA GLU A 62 -48.38 -2.35 -11.17
C GLU A 62 -47.11 -3.19 -11.50
N PRO A 63 -47.06 -4.48 -11.07
CA PRO A 63 -45.90 -5.34 -11.41
C PRO A 63 -45.50 -5.30 -12.88
N THR A 64 -46.48 -5.47 -13.78
CA THR A 64 -46.22 -5.44 -15.21
C THR A 64 -45.63 -4.09 -15.63
N ARG A 65 -46.39 -3.02 -15.40
CA ARG A 65 -45.99 -1.67 -15.77
C ARG A 65 -44.58 -1.32 -15.26
N SER A 66 -44.32 -1.68 -14.00
CA SER A 66 -43.04 -1.41 -13.36
C SER A 66 -41.90 -2.16 -14.03
N LEU A 67 -42.13 -3.43 -14.37
CA LEU A 67 -41.14 -4.21 -15.07
C LEU A 67 -40.75 -3.52 -16.37
N SER A 68 -41.75 -3.00 -17.09
CA SER A 68 -41.53 -2.31 -18.35
C SER A 68 -40.49 -1.20 -18.24
N GLY A 69 -40.64 -0.36 -17.21
CA GLY A 69 -39.69 0.71 -16.94
C GLY A 69 -38.34 0.17 -16.49
N LEU A 70 -38.37 -0.94 -15.77
CA LEU A 70 -37.16 -1.62 -15.31
C LEU A 70 -36.45 -2.37 -16.44
N ILE A 71 -37.20 -2.75 -17.47
CA ILE A 71 -36.62 -3.29 -18.71
C ILE A 71 -35.97 -2.14 -19.47
N LEU A 72 -36.66 -1.00 -19.49
CA LEU A 72 -36.22 0.20 -20.20
C LEU A 72 -34.92 0.75 -19.59
N LYS A 73 -34.81 0.65 -18.26
CA LYS A 73 -33.62 1.04 -17.52
C LYS A 73 -32.37 0.35 -18.06
N ASN A 74 -32.47 -0.96 -18.28
CA ASN A 74 -31.37 -1.75 -18.79
C ASN A 74 -31.06 -1.43 -20.25
N ASN A 75 -32.07 -0.97 -20.98
CA ASN A 75 -31.87 -0.53 -22.36
C ASN A 75 -31.12 0.79 -22.44
N VAL A 76 -31.02 1.48 -21.31
CA VAL A 76 -30.20 2.68 -21.19
C VAL A 76 -28.77 2.28 -20.81
N LYS A 77 -28.66 1.35 -19.85
CA LYS A 77 -27.39 0.77 -19.42
C LYS A 77 -26.73 -0.13 -20.49
N ALA A 78 -26.81 0.32 -21.74
CA ALA A 78 -26.26 -0.37 -22.92
C ALA A 78 -26.98 0.19 -24.12
N HIS A 79 -26.22 0.61 -25.12
CA HIS A 79 -26.75 1.31 -26.31
C HIS A 79 -27.75 2.44 -26.04
N PHE A 80 -27.38 3.33 -25.11
CA PHE A 80 -28.08 4.61 -24.96
C PHE A 80 -27.55 5.60 -25.99
N GLN A 81 -26.29 5.41 -26.39
CA GLN A 81 -25.70 6.16 -27.48
C GLN A 81 -26.57 5.98 -28.72
N ASN A 82 -27.22 4.81 -28.80
CA ASN A 82 -28.11 4.45 -29.90
C ASN A 82 -29.53 5.05 -29.76
N PHE A 83 -29.84 5.61 -28.60
CA PHE A 83 -31.12 6.28 -28.35
C PHE A 83 -31.27 7.56 -29.20
N PRO A 84 -32.29 7.59 -30.09
CA PRO A 84 -32.57 8.79 -30.90
C PRO A 84 -33.14 9.93 -30.05
N ASN A 85 -32.97 11.15 -30.53
CA ASN A 85 -33.40 12.35 -29.81
C ASN A 85 -34.89 12.42 -29.50
N GLY A 86 -35.73 12.04 -30.46
CA GLY A 86 -37.19 12.04 -30.29
C GLY A 86 -37.69 11.05 -29.26
N VAL A 87 -36.99 9.92 -29.12
CA VAL A 87 -37.32 8.88 -28.16
C VAL A 87 -36.94 9.31 -26.73
N THR A 88 -35.71 9.79 -26.57
CA THR A 88 -35.21 10.30 -25.29
C THR A 88 -36.09 11.44 -24.78
N ASP A 89 -36.34 12.43 -25.65
CA ASP A 89 -37.22 13.56 -25.32
C ASP A 89 -38.62 13.14 -24.89
N PHE A 90 -39.06 11.97 -25.35
CA PHE A 90 -40.35 11.42 -24.95
C PHE A 90 -40.27 10.82 -23.56
N ILE A 91 -39.22 10.04 -23.31
CA ILE A 91 -39.00 9.41 -22.02
C ILE A 91 -38.76 10.46 -20.92
N LYS A 92 -37.79 11.34 -21.16
CA LYS A 92 -37.48 12.44 -20.25
C LYS A 92 -38.76 13.15 -19.83
N SER A 93 -39.44 13.73 -20.82
CA SER A 93 -40.77 14.33 -20.67
C SER A 93 -41.71 13.50 -19.79
N GLU A 94 -41.93 12.23 -20.16
CA GLU A 94 -42.85 11.36 -19.44
C GLU A 94 -42.43 11.07 -18.01
N CYS A 95 -41.15 10.75 -17.81
CA CYS A 95 -40.61 10.47 -16.49
C CYS A 95 -40.76 11.69 -15.57
N LEU A 96 -40.36 12.85 -16.08
CA LEU A 96 -40.37 14.09 -15.31
C LEU A 96 -41.78 14.53 -14.90
N ASN A 97 -42.79 14.07 -15.65
CA ASN A 97 -44.19 14.35 -15.34
C ASN A 97 -44.74 13.41 -14.25
N ASN A 98 -44.63 12.11 -14.48
CA ASN A 98 -45.18 11.11 -13.54
C ASN A 98 -44.33 10.86 -12.27
N ILE A 99 -43.38 11.75 -12.00
CA ILE A 99 -42.41 11.63 -10.89
C ILE A 99 -43.02 11.29 -9.52
N GLY A 100 -44.25 11.75 -9.28
CA GLY A 100 -44.90 11.55 -7.99
C GLY A 100 -46.18 10.75 -8.10
N ASP A 101 -46.11 9.65 -8.82
CA ASP A 101 -47.26 8.78 -9.06
C ASP A 101 -47.84 8.28 -7.74
N SER A 102 -49.16 8.28 -7.64
CA SER A 102 -49.87 7.79 -6.47
C SER A 102 -49.37 6.42 -6.05
N SER A 103 -48.99 5.60 -7.03
CA SER A 103 -48.43 4.27 -6.76
C SER A 103 -47.01 4.38 -6.24
N PRO A 104 -46.66 3.56 -5.23
CA PRO A 104 -45.30 3.51 -4.74
C PRO A 104 -44.36 2.91 -5.79
N LEU A 105 -44.59 1.66 -6.16
CA LEU A 105 -43.71 0.93 -7.06
C LEU A 105 -43.50 1.62 -8.41
N ILE A 106 -44.58 2.18 -8.97
CA ILE A 106 -44.48 2.93 -10.23
C ILE A 106 -43.54 4.10 -10.05
N ARG A 107 -43.77 4.87 -8.98
CA ARG A 107 -42.98 6.07 -8.69
C ARG A 107 -41.51 5.73 -8.47
N ALA A 108 -41.26 4.61 -7.79
CA ALA A 108 -39.92 4.08 -7.60
C ALA A 108 -39.25 3.76 -8.93
N THR A 109 -40.04 3.19 -9.84
CA THR A 109 -39.58 2.83 -11.19
C THR A 109 -39.34 4.08 -12.03
N VAL A 110 -40.22 5.07 -11.87
CA VAL A 110 -40.07 6.36 -12.55
C VAL A 110 -38.79 7.04 -12.09
N GLY A 111 -38.54 6.99 -10.78
CA GLY A 111 -37.35 7.59 -10.18
C GLY A 111 -36.06 7.03 -10.73
N ILE A 112 -35.85 5.73 -10.55
CA ILE A 112 -34.62 5.05 -10.97
C ILE A 112 -34.34 5.24 -12.48
N LEU A 113 -35.38 5.49 -13.25
CA LEU A 113 -35.24 5.73 -14.68
C LEU A 113 -34.62 7.12 -14.96
N ILE A 114 -35.05 8.13 -14.21
CA ILE A 114 -34.50 9.49 -14.29
C ILE A 114 -33.03 9.49 -13.90
N THR A 115 -32.74 8.91 -12.74
CA THR A 115 -31.38 8.71 -12.26
C THR A 115 -30.44 8.16 -13.33
N THR A 116 -30.77 6.99 -13.87
CA THR A 116 -29.89 6.29 -14.82
C THR A 116 -29.70 7.08 -16.10
N ILE A 117 -30.73 7.80 -16.52
CA ILE A 117 -30.65 8.63 -17.73
C ILE A 117 -29.73 9.82 -17.50
N ALA A 118 -29.68 10.31 -16.26
CA ALA A 118 -28.75 11.37 -15.92
C ALA A 118 -27.31 10.84 -15.88
N SER A 119 -27.07 9.80 -15.07
CA SER A 119 -25.74 9.23 -14.93
C SER A 119 -25.07 8.88 -16.29
N LYS A 120 -25.81 8.19 -17.17
CA LYS A 120 -25.33 7.91 -18.54
C LYS A 120 -25.46 9.11 -19.48
N GLY A 121 -26.49 9.93 -19.27
CA GLY A 121 -26.71 11.16 -20.05
C GLY A 121 -25.50 12.07 -20.09
N GLU A 122 -24.81 12.17 -18.94
CA GLU A 122 -23.46 12.76 -18.85
C GLU A 122 -23.25 14.06 -19.66
N LEU A 123 -23.94 15.16 -19.33
CA LEU A 123 -25.08 15.26 -18.42
C LEU A 123 -25.67 16.66 -18.65
N GLN A 124 -24.86 17.50 -19.29
CA GLN A 124 -25.31 18.72 -19.94
C GLN A 124 -26.35 18.34 -21.02
N ASN A 125 -26.47 17.04 -21.25
CA ASN A 125 -27.42 16.48 -22.20
C ASN A 125 -28.83 16.34 -21.64
N TRP A 126 -29.02 16.81 -20.41
CA TRP A 126 -30.35 17.02 -19.86
C TRP A 126 -30.37 18.36 -19.10
N PRO A 127 -30.45 19.49 -19.84
CA PRO A 127 -30.35 20.82 -19.25
C PRO A 127 -31.50 21.21 -18.31
N ASP A 128 -32.73 20.82 -18.66
CA ASP A 128 -33.91 21.18 -17.86
C ASP A 128 -33.95 20.44 -16.52
N LEU A 129 -33.29 19.27 -16.49
CA LEU A 129 -33.43 18.33 -15.37
C LEU A 129 -33.41 19.01 -14.01
N LEU A 130 -32.28 19.65 -13.70
CA LEU A 130 -32.06 20.24 -12.39
C LEU A 130 -33.08 21.34 -12.02
N PRO A 131 -33.13 22.45 -12.78
CA PRO A 131 -34.09 23.51 -12.46
C PRO A 131 -35.54 23.03 -12.36
N LYS A 132 -35.91 22.02 -13.17
CA LYS A 132 -37.26 21.44 -13.12
C LYS A 132 -37.46 20.60 -11.86
N LEU A 133 -36.45 19.83 -11.47
CA LEU A 133 -36.50 19.07 -10.22
C LEU A 133 -36.67 19.98 -9.00
N CYS A 134 -35.78 20.97 -8.88
CA CYS A 134 -35.83 21.97 -7.82
C CYS A 134 -37.19 22.67 -7.72
N SER A 135 -37.83 22.86 -8.88
CA SER A 135 -39.17 23.43 -8.94
C SER A 135 -40.18 22.49 -8.28
N LEU A 136 -40.10 21.21 -8.63
CA LEU A 136 -41.01 20.17 -8.11
C LEU A 136 -40.80 19.94 -6.63
N LEU A 137 -39.74 20.53 -6.10
CA LEU A 137 -39.42 20.49 -4.68
C LEU A 137 -40.42 21.36 -3.91
N ASP A 138 -40.85 22.45 -4.55
CA ASP A 138 -41.82 23.36 -3.96
C ASP A 138 -43.26 22.94 -4.25
N SER A 139 -43.44 21.86 -5.02
CA SER A 139 -44.76 21.31 -5.32
C SER A 139 -45.53 21.01 -4.03
N GLU A 140 -46.85 21.22 -4.09
CA GLU A 140 -47.71 21.09 -2.92
C GLU A 140 -47.99 19.64 -2.54
N ASP A 141 -47.82 18.74 -3.51
CA ASP A 141 -48.00 17.30 -3.27
C ASP A 141 -46.72 16.70 -2.70
N TYR A 142 -46.87 15.93 -1.63
CA TYR A 142 -45.75 15.23 -0.99
C TYR A 142 -45.06 14.27 -1.96
N ASN A 143 -45.84 13.42 -2.61
CA ASN A 143 -45.31 12.39 -3.53
C ASN A 143 -44.43 12.93 -4.64
N THR A 144 -44.85 14.04 -5.26
CA THR A 144 -44.09 14.66 -6.34
C THR A 144 -42.82 15.30 -5.76
N CYS A 145 -42.96 15.84 -4.56
CA CYS A 145 -41.88 16.53 -3.89
C CYS A 145 -40.80 15.56 -3.40
N GLU A 146 -41.22 14.52 -2.68
CA GLU A 146 -40.34 13.46 -2.19
C GLU A 146 -39.63 12.78 -3.35
N GLY A 147 -40.39 12.44 -4.39
CA GLY A 147 -39.85 11.80 -5.59
C GLY A 147 -38.82 12.67 -6.28
N ALA A 148 -39.07 13.98 -6.31
CA ALA A 148 -38.11 14.94 -6.85
C ALA A 148 -36.85 14.99 -5.98
N PHE A 149 -37.06 15.03 -4.66
CA PHE A 149 -35.95 15.10 -3.72
C PHE A 149 -35.08 13.85 -3.76
N GLY A 150 -35.72 12.69 -3.89
CA GLY A 150 -34.99 11.43 -3.99
C GLY A 150 -34.12 11.39 -5.22
N ALA A 151 -34.68 11.85 -6.34
CA ALA A 151 -33.98 11.90 -7.61
C ALA A 151 -32.74 12.78 -7.49
N LEU A 152 -32.90 13.96 -6.90
CA LEU A 152 -31.82 14.92 -6.71
C LEU A 152 -30.69 14.34 -5.86
N GLN A 153 -31.04 13.64 -4.78
CA GLN A 153 -30.06 13.01 -3.91
C GLN A 153 -29.17 12.03 -4.66
N LYS A 154 -29.78 11.18 -5.49
CA LYS A 154 -29.01 10.20 -6.25
C LYS A 154 -28.11 10.88 -7.28
N ILE A 155 -28.56 12.03 -7.80
CA ILE A 155 -27.77 12.80 -8.77
C ILE A 155 -26.53 13.38 -8.09
N CYS A 156 -26.70 13.83 -6.84
CA CYS A 156 -25.60 14.33 -6.03
C CYS A 156 -24.63 13.20 -5.76
N GLU A 157 -25.15 12.12 -5.20
CA GLU A 157 -24.37 10.93 -4.88
C GLU A 157 -23.54 10.43 -6.08
N ASP A 158 -24.15 10.35 -7.25
CA ASP A 158 -23.47 9.93 -8.48
C ASP A 158 -22.55 10.99 -9.05
N SER A 159 -23.01 12.24 -9.09
CA SER A 159 -22.33 13.28 -9.88
C SER A 159 -21.90 14.51 -9.09
N ALA A 160 -21.47 14.31 -7.85
CA ALA A 160 -21.04 15.42 -7.01
C ALA A 160 -19.91 16.21 -7.67
N GLU A 161 -18.80 15.52 -7.99
CA GLU A 161 -17.63 16.15 -8.59
C GLU A 161 -17.91 16.83 -9.93
N ILE A 162 -18.99 16.44 -10.59
CA ILE A 162 -19.38 16.99 -11.90
C ILE A 162 -20.32 18.20 -11.77
N LEU A 163 -21.19 18.14 -10.76
CA LEU A 163 -22.04 19.28 -10.40
C LEU A 163 -21.16 20.39 -9.81
N ASP A 164 -20.16 19.96 -9.05
CA ASP A 164 -19.16 20.84 -8.45
C ASP A 164 -18.28 21.44 -9.54
N SER A 165 -17.96 20.62 -10.53
CA SER A 165 -17.14 21.03 -11.68
C SER A 165 -17.83 22.09 -12.53
N ASP A 166 -17.02 22.87 -13.25
CA ASP A 166 -17.50 23.94 -14.11
C ASP A 166 -18.14 23.41 -15.40
N VAL A 167 -18.19 22.09 -15.54
CA VAL A 167 -18.67 21.44 -16.77
C VAL A 167 -20.17 21.65 -17.07
N LEU A 168 -20.98 21.77 -16.03
CA LEU A 168 -22.42 21.98 -16.19
C LEU A 168 -22.81 23.39 -15.73
N ASP A 169 -21.85 24.31 -15.79
CA ASP A 169 -21.95 25.63 -15.13
C ASP A 169 -21.71 25.41 -13.63
N ARG A 170 -22.48 26.08 -12.77
CA ARG A 170 -22.48 25.78 -11.35
C ARG A 170 -23.91 25.79 -10.78
N PRO A 171 -24.61 24.64 -10.89
CA PRO A 171 -26.00 24.54 -10.48
C PRO A 171 -26.15 24.44 -8.96
N LEU A 172 -25.04 24.19 -8.28
CA LEU A 172 -25.01 24.09 -6.82
C LEU A 172 -25.15 25.46 -6.18
N ASN A 173 -24.76 26.51 -6.90
CA ASN A 173 -24.89 27.88 -6.44
C ASN A 173 -26.35 28.26 -6.18
N ILE A 174 -27.27 27.38 -6.57
CA ILE A 174 -28.68 27.56 -6.25
C ILE A 174 -29.31 26.35 -5.56
N MET A 175 -28.75 25.17 -5.80
CA MET A 175 -29.23 23.94 -5.16
C MET A 175 -28.92 23.90 -3.66
N ILE A 176 -27.69 24.26 -3.29
CA ILE A 176 -27.24 24.24 -1.89
C ILE A 176 -28.12 25.11 -0.98
N PRO A 177 -28.18 26.44 -1.24
CA PRO A 177 -29.01 27.27 -0.36
C PRO A 177 -30.49 26.91 -0.42
N LYS A 178 -30.88 26.21 -1.48
CA LYS A 178 -32.25 25.72 -1.62
C LYS A 178 -32.45 24.52 -0.70
N PHE A 179 -31.48 23.61 -0.71
CA PHE A 179 -31.53 22.40 0.11
C PHE A 179 -31.58 22.73 1.59
N LEU A 180 -30.79 23.72 2.00
CA LEU A 180 -30.66 24.11 3.40
C LEU A 180 -31.99 24.56 3.98
N GLN A 181 -32.85 25.14 3.15
CA GLN A 181 -34.17 25.59 3.59
C GLN A 181 -35.07 24.41 3.94
N PHE A 182 -34.90 23.29 3.24
CA PHE A 182 -35.71 22.10 3.48
C PHE A 182 -35.34 21.30 4.72
N PHE A 183 -34.19 21.62 5.33
CA PHE A 183 -33.80 21.09 6.64
C PHE A 183 -34.92 21.29 7.65
N LYS A 184 -35.74 22.31 7.40
CA LYS A 184 -36.83 22.71 8.30
C LYS A 184 -38.16 22.03 7.95
N HIS A 185 -38.18 21.25 6.88
CA HIS A 185 -39.43 20.64 6.40
C HIS A 185 -40.11 19.72 7.42
N SER A 186 -41.44 19.68 7.36
CA SER A 186 -42.25 18.95 8.33
C SER A 186 -42.11 17.42 8.28
N SER A 187 -41.64 16.88 7.16
CA SER A 187 -41.54 15.44 6.98
C SER A 187 -40.16 14.90 7.33
N PRO A 188 -40.10 13.83 8.17
CA PRO A 188 -38.86 13.13 8.51
C PRO A 188 -38.08 12.67 7.29
N LYS A 189 -38.79 12.17 6.28
CA LYS A 189 -38.15 11.66 5.07
C LYS A 189 -37.49 12.77 4.26
N ILE A 190 -38.17 13.92 4.17
CA ILE A 190 -37.68 15.06 3.38
C ILE A 190 -36.38 15.67 3.94
N ARG A 191 -36.40 16.00 5.23
CA ARG A 191 -35.23 16.53 5.94
C ARG A 191 -34.01 15.65 5.72
N SER A 192 -34.24 14.34 5.74
CA SER A 192 -33.23 13.35 5.48
C SER A 192 -32.55 13.59 4.13
N HIS A 193 -33.34 13.68 3.06
CA HIS A 193 -32.82 13.97 1.72
C HIS A 193 -32.05 15.28 1.67
N ALA A 194 -32.59 16.33 2.29
CA ALA A 194 -31.99 17.65 2.25
C ALA A 194 -30.56 17.64 2.77
N VAL A 195 -30.35 16.99 3.91
CA VAL A 195 -29.01 16.92 4.49
C VAL A 195 -28.12 15.94 3.72
N ALA A 196 -28.69 14.81 3.31
CA ALA A 196 -27.93 13.83 2.52
C ALA A 196 -27.32 14.43 1.25
N CYS A 197 -28.06 15.35 0.62
CA CYS A 197 -27.60 16.07 -0.57
C CYS A 197 -26.44 17.00 -0.27
N VAL A 198 -26.57 17.76 0.81
CA VAL A 198 -25.58 18.75 1.17
C VAL A 198 -24.27 18.05 1.53
N ASN A 199 -24.38 16.92 2.24
CA ASN A 199 -23.23 16.15 2.70
C ASN A 199 -22.19 15.82 1.62
N GLN A 200 -22.66 15.75 0.37
CA GLN A 200 -21.79 15.42 -0.76
C GLN A 200 -20.75 16.50 -1.08
N PHE A 201 -21.04 17.72 -0.67
CA PHE A 201 -20.23 18.87 -1.05
C PHE A 201 -19.51 19.48 0.14
N ILE A 202 -19.33 18.66 1.19
CA ILE A 202 -18.61 19.07 2.38
C ILE A 202 -17.11 18.89 2.20
N ILE A 203 -16.69 17.68 1.83
CA ILE A 203 -15.25 17.38 1.65
C ILE A 203 -14.71 18.17 0.46
N SER A 204 -15.48 18.14 -0.63
CA SER A 204 -15.14 18.92 -1.81
C SER A 204 -15.20 20.42 -1.53
N ARG A 205 -15.63 20.76 -0.31
CA ARG A 205 -15.66 22.14 0.22
C ARG A 205 -16.08 23.19 -0.81
N THR A 206 -17.21 22.93 -1.47
CA THR A 206 -17.72 23.82 -2.51
C THR A 206 -18.08 25.15 -1.88
N GLN A 207 -17.72 26.24 -2.55
CA GLN A 207 -17.96 27.58 -2.03
C GLN A 207 -19.43 27.86 -1.83
N ALA A 208 -20.26 27.27 -2.69
CA ALA A 208 -21.70 27.39 -2.58
C ALA A 208 -22.18 26.99 -1.19
N LEU A 209 -21.42 26.12 -0.53
CA LEU A 209 -21.75 25.67 0.83
C LEU A 209 -20.91 26.37 1.90
N MET A 210 -19.60 26.49 1.66
CA MET A 210 -18.66 26.99 2.66
C MET A 210 -18.95 28.41 3.07
N LEU A 211 -19.50 29.19 2.15
CA LEU A 211 -19.94 30.56 2.42
C LEU A 211 -21.31 30.58 3.09
N HIS A 212 -21.84 29.40 3.40
CA HIS A 212 -23.06 29.26 4.19
C HIS A 212 -22.86 28.26 5.32
N ILE A 213 -21.61 28.09 5.74
CA ILE A 213 -21.22 27.12 6.76
C ILE A 213 -21.96 27.30 8.08
N ASP A 214 -22.10 28.55 8.50
CA ASP A 214 -22.74 28.88 9.76
C ASP A 214 -24.22 28.57 9.71
N SER A 215 -24.84 28.97 8.60
CA SER A 215 -26.22 28.62 8.31
C SER A 215 -26.41 27.08 8.33
N PHE A 216 -25.46 26.37 7.73
CA PHE A 216 -25.47 24.90 7.68
C PHE A 216 -25.35 24.29 9.08
N ILE A 217 -24.31 24.69 9.80
CA ILE A 217 -24.05 24.16 11.15
C ILE A 217 -25.23 24.43 12.10
N GLU A 218 -25.77 25.65 12.03
CA GLU A 218 -26.94 26.07 12.80
C GLU A 218 -28.11 25.10 12.57
N ASN A 219 -28.49 24.92 11.30
CA ASN A 219 -29.48 23.93 10.89
C ASN A 219 -29.15 22.52 11.37
N LEU A 220 -27.87 22.16 11.25
CA LEU A 220 -27.40 20.83 11.63
C LEU A 220 -27.60 20.57 13.12
N PHE A 221 -27.20 21.53 13.95
CA PHE A 221 -27.45 21.49 15.38
C PHE A 221 -28.93 21.28 15.66
N ALA A 222 -29.77 22.09 15.03
CA ALA A 222 -31.23 22.02 15.20
C ALA A 222 -31.83 20.64 14.92
N LEU A 223 -31.16 19.85 14.08
CA LEU A 223 -31.68 18.52 13.71
C LEU A 223 -31.07 17.38 14.52
N ALA A 224 -30.09 17.70 15.36
CA ALA A 224 -29.38 16.71 16.16
C ALA A 224 -30.33 15.85 17.00
N GLY A 225 -31.33 16.49 17.60
CA GLY A 225 -32.29 15.81 18.47
C GLY A 225 -33.46 15.13 17.79
N ASP A 226 -33.43 15.04 16.47
CA ASP A 226 -34.50 14.43 15.68
C ASP A 226 -34.65 12.95 16.01
N GLU A 227 -35.89 12.47 16.11
CA GLU A 227 -36.13 11.08 16.52
C GLU A 227 -36.09 10.05 15.39
N GLU A 228 -36.18 10.50 14.13
CA GLU A 228 -36.05 9.60 12.98
C GLU A 228 -34.56 9.31 12.68
N PRO A 229 -34.14 8.04 12.85
CA PRO A 229 -32.76 7.59 12.70
C PRO A 229 -32.02 8.15 11.47
N GLU A 230 -32.68 8.10 10.32
CA GLU A 230 -32.08 8.56 9.06
C GLU A 230 -31.53 9.99 9.14
N VAL A 231 -32.24 10.85 9.86
CA VAL A 231 -31.78 12.24 10.05
C VAL A 231 -30.53 12.26 10.91
N ARG A 232 -30.57 11.57 12.05
CA ARG A 232 -29.44 11.52 12.98
C ARG A 232 -28.20 10.93 12.32
N LYS A 233 -28.40 9.86 11.54
CA LYS A 233 -27.32 9.30 10.74
C LYS A 233 -26.66 10.38 9.91
N ASN A 234 -27.47 11.10 9.12
CA ASN A 234 -26.99 12.15 8.23
C ASN A 234 -26.34 13.32 8.96
N VAL A 235 -26.95 13.75 10.06
CA VAL A 235 -26.38 14.81 10.89
C VAL A 235 -24.97 14.41 11.33
N CYS A 236 -24.83 13.18 11.84
CA CYS A 236 -23.54 12.64 12.24
C CYS A 236 -22.54 12.64 11.11
N ARG A 237 -22.91 12.04 9.98
CA ARG A 237 -22.05 11.99 8.79
C ARG A 237 -21.53 13.38 8.43
N ALA A 238 -22.40 14.38 8.58
CA ALA A 238 -22.06 15.76 8.26
C ALA A 238 -21.06 16.35 9.25
N LEU A 239 -21.29 16.09 10.53
CA LEU A 239 -20.38 16.59 11.57
C LEU A 239 -19.00 15.92 11.47
N VAL A 240 -18.99 14.61 11.27
CA VAL A 240 -17.74 13.87 11.08
C VAL A 240 -16.96 14.50 9.94
N MET A 241 -17.64 14.72 8.82
CA MET A 241 -17.00 15.27 7.64
C MET A 241 -16.55 16.69 7.89
N LEU A 242 -17.41 17.48 8.53
CA LEU A 242 -17.09 18.85 8.88
C LEU A 242 -15.77 18.95 9.64
N LEU A 243 -15.41 17.87 10.33
CA LEU A 243 -14.15 17.77 11.06
C LEU A 243 -12.92 17.98 10.18
N GLU A 244 -12.80 17.20 9.12
CA GLU A 244 -11.64 17.29 8.25
C GLU A 244 -11.51 18.66 7.62
N VAL A 245 -12.64 19.28 7.28
CA VAL A 245 -12.65 20.48 6.45
C VAL A 245 -12.71 21.79 7.26
N ARG A 246 -13.78 21.97 8.04
CA ARG A 246 -14.01 23.23 8.73
C ARG A 246 -13.89 23.13 10.25
N MET A 247 -12.71 22.74 10.74
CA MET A 247 -12.46 22.71 12.18
C MET A 247 -12.62 24.07 12.85
N ASP A 248 -12.30 25.13 12.10
CA ASP A 248 -12.38 26.51 12.60
C ASP A 248 -13.74 26.88 13.20
N ARG A 249 -14.81 26.62 12.45
CA ARG A 249 -16.18 26.96 12.87
C ARG A 249 -16.80 25.93 13.80
N LEU A 250 -16.19 24.75 13.85
CA LEU A 250 -16.71 23.64 14.64
C LEU A 250 -16.10 23.63 16.05
N LEU A 251 -14.95 24.28 16.18
CA LEU A 251 -14.15 24.31 17.43
C LEU A 251 -14.92 24.76 18.69
N PRO A 252 -15.50 25.99 18.70
CA PRO A 252 -16.17 26.44 19.91
C PRO A 252 -17.55 25.81 20.12
N HIS A 253 -17.67 24.54 19.74
CA HIS A 253 -18.83 23.72 20.05
C HIS A 253 -18.35 22.33 20.42
N MET A 254 -17.05 22.12 20.22
CA MET A 254 -16.44 20.80 20.33
C MET A 254 -16.99 19.96 21.48
N HIS A 255 -17.04 20.54 22.67
CA HIS A 255 -17.47 19.80 23.85
C HIS A 255 -18.94 19.39 23.80
N ASN A 256 -19.80 20.28 23.31
CA ASN A 256 -21.21 19.93 23.07
C ASN A 256 -21.33 18.82 22.05
N ILE A 257 -20.57 18.94 20.97
CA ILE A 257 -20.54 17.97 19.88
C ILE A 257 -20.15 16.60 20.43
N VAL A 258 -19.03 16.51 21.14
CA VAL A 258 -18.52 15.20 21.62
C VAL A 258 -19.42 14.59 22.69
N GLU A 259 -20.20 15.42 23.38
CA GLU A 259 -21.19 14.94 24.34
C GLU A 259 -22.39 14.35 23.59
N TYR A 260 -22.73 14.99 22.46
CA TYR A 260 -23.77 14.51 21.57
C TYR A 260 -23.34 13.20 20.91
N MET A 261 -22.10 13.19 20.44
CA MET A 261 -21.54 12.09 19.66
C MET A 261 -21.31 10.86 20.53
N LEU A 262 -20.93 11.11 21.78
CA LEU A 262 -20.69 10.07 22.75
C LEU A 262 -22.00 9.36 23.07
N GLN A 263 -23.05 10.16 23.22
CA GLN A 263 -24.40 9.68 23.43
C GLN A 263 -24.85 8.92 22.19
N ARG A 264 -24.54 9.50 21.03
CA ARG A 264 -24.99 8.99 19.74
C ARG A 264 -24.24 7.72 19.31
N THR A 265 -23.03 7.52 19.85
CA THR A 265 -22.26 6.27 19.63
C THR A 265 -23.02 5.06 20.17
N GLN A 266 -23.71 5.27 21.29
CA GLN A 266 -24.50 4.22 21.92
C GLN A 266 -25.94 4.20 21.44
N ASP A 267 -26.25 4.94 20.39
CA ASP A 267 -27.63 5.01 19.87
C ASP A 267 -28.18 3.61 19.58
N GLN A 268 -29.50 3.46 19.74
CA GLN A 268 -30.19 2.19 19.51
C GLN A 268 -30.08 1.70 18.06
N ASP A 269 -29.98 2.65 17.13
CA ASP A 269 -29.91 2.34 15.70
C ASP A 269 -28.48 2.02 15.23
N GLU A 270 -28.28 0.78 14.79
CA GLU A 270 -26.98 0.29 14.30
C GLU A 270 -26.22 1.30 13.44
N ASN A 271 -26.94 1.90 12.49
CA ASN A 271 -26.36 2.81 11.50
C ASN A 271 -25.89 4.13 12.07
N VAL A 272 -26.66 4.70 12.99
CA VAL A 272 -26.29 5.95 13.64
C VAL A 272 -25.00 5.73 14.42
N ALA A 273 -25.02 4.70 15.28
CA ALA A 273 -23.87 4.31 16.08
C ALA A 273 -22.57 4.26 15.26
N LEU A 274 -22.56 3.45 14.20
CA LEU A 274 -21.37 3.29 13.37
C LEU A 274 -20.89 4.61 12.77
N GLU A 275 -21.83 5.51 12.51
CA GLU A 275 -21.47 6.82 11.93
C GLU A 275 -20.89 7.76 12.99
N ALA A 276 -21.48 7.71 14.18
CA ALA A 276 -21.00 8.49 15.31
C ALA A 276 -19.62 8.03 15.74
N CYS A 277 -19.42 6.71 15.76
CA CYS A 277 -18.15 6.12 16.16
C CYS A 277 -17.03 6.58 15.24
N GLU A 278 -17.38 6.81 13.98
CA GLU A 278 -16.47 7.33 12.98
C GLU A 278 -15.89 8.67 13.41
N PHE A 279 -16.68 9.41 14.19
CA PHE A 279 -16.29 10.70 14.70
C PHE A 279 -15.00 10.61 15.50
N TRP A 280 -14.88 9.53 16.28
CA TRP A 280 -13.74 9.37 17.17
C TRP A 280 -12.45 9.03 16.42
N LEU A 281 -12.58 8.30 15.31
CA LEU A 281 -11.45 7.97 14.45
C LEU A 281 -10.94 9.22 13.74
N THR A 282 -11.87 10.03 13.26
CA THR A 282 -11.56 11.22 12.49
C THR A 282 -10.92 12.28 13.36
N LEU A 283 -11.40 12.36 14.60
CA LEU A 283 -10.94 13.35 15.57
C LEU A 283 -9.50 13.08 15.96
N ALA A 284 -9.19 11.81 16.20
CA ALA A 284 -7.87 11.37 16.61
C ALA A 284 -6.78 11.88 15.68
N GLU A 285 -7.06 11.90 14.37
CA GLU A 285 -6.09 12.31 13.35
C GLU A 285 -5.77 13.81 13.38
N GLN A 286 -6.65 14.60 13.99
CA GLN A 286 -6.51 16.06 14.05
C GLN A 286 -5.53 16.49 15.15
N PRO A 287 -4.69 17.51 14.89
CA PRO A 287 -3.75 18.03 15.89
C PRO A 287 -4.43 18.59 17.16
N ILE A 288 -5.57 19.26 17.00
CA ILE A 288 -6.27 19.88 18.12
C ILE A 288 -7.19 18.85 18.80
N CYS A 289 -6.61 17.72 19.21
CA CYS A 289 -7.35 16.58 19.74
C CYS A 289 -6.91 16.25 21.15
N LYS A 290 -5.61 15.98 21.31
CA LYS A 290 -5.00 15.67 22.59
C LYS A 290 -5.58 16.57 23.69
N ASP A 291 -5.55 17.88 23.44
CA ASP A 291 -5.95 18.88 24.44
C ASP A 291 -7.47 19.15 24.50
N VAL A 292 -8.24 18.49 23.64
CA VAL A 292 -9.69 18.67 23.61
C VAL A 292 -10.44 17.56 24.33
N LEU A 293 -10.16 16.31 23.94
CA LEU A 293 -10.85 15.14 24.47
C LEU A 293 -10.57 14.86 25.95
N VAL A 294 -9.29 14.77 26.32
CA VAL A 294 -8.84 14.42 27.69
C VAL A 294 -9.95 14.16 28.72
N ARG A 295 -10.72 15.21 29.04
CA ARG A 295 -11.80 15.12 30.02
C ARG A 295 -12.93 14.15 29.63
N HIS A 296 -12.90 13.63 28.40
CA HIS A 296 -13.94 12.76 27.90
C HIS A 296 -13.50 11.32 27.81
N LEU A 297 -12.18 11.11 27.81
CA LEU A 297 -11.59 9.78 27.81
C LEU A 297 -12.24 8.84 28.82
N PRO A 298 -12.50 9.34 30.05
CA PRO A 298 -13.11 8.46 31.06
C PRO A 298 -14.50 7.95 30.69
N LYS A 299 -15.15 8.60 29.72
CA LYS A 299 -16.48 8.17 29.28
C LYS A 299 -16.45 7.56 27.87
N LEU A 300 -15.51 8.04 27.04
CA LEU A 300 -15.29 7.52 25.69
C LEU A 300 -14.73 6.10 25.70
N ILE A 301 -13.59 5.92 26.38
CA ILE A 301 -12.89 4.64 26.41
C ILE A 301 -13.82 3.42 26.65
N PRO A 302 -14.65 3.44 27.72
CA PRO A 302 -15.49 2.26 27.98
C PRO A 302 -16.54 2.03 26.90
N VAL A 303 -17.07 3.12 26.36
CA VAL A 303 -18.05 3.08 25.27
C VAL A 303 -17.40 2.44 24.03
N LEU A 304 -16.16 2.84 23.78
CA LEU A 304 -15.36 2.33 22.67
C LEU A 304 -15.01 0.85 22.83
N VAL A 305 -14.62 0.47 24.04
CA VAL A 305 -14.28 -0.92 24.37
C VAL A 305 -15.53 -1.80 24.37
N ASN A 306 -16.68 -1.20 24.66
CA ASN A 306 -17.94 -1.92 24.68
C ASN A 306 -18.40 -2.31 23.27
N GLY A 307 -18.12 -1.42 22.32
CA GLY A 307 -18.45 -1.65 20.91
C GLY A 307 -17.56 -2.67 20.24
N MET A 308 -16.40 -2.94 20.86
CA MET A 308 -15.40 -3.83 20.27
C MET A 308 -15.74 -5.30 20.37
N LYS A 309 -16.79 -5.63 21.10
CA LYS A 309 -17.27 -7.00 21.21
C LYS A 309 -17.96 -7.36 19.91
N TYR A 310 -17.89 -8.64 19.55
CA TYR A 310 -18.56 -9.12 18.36
C TYR A 310 -20.05 -8.90 18.42
N SER A 311 -20.64 -8.58 17.28
CA SER A 311 -22.10 -8.58 17.15
C SER A 311 -22.57 -10.01 16.91
N ASP A 312 -23.69 -10.37 17.54
CA ASP A 312 -24.34 -11.68 17.36
C ASP A 312 -24.35 -12.16 15.90
N ILE A 313 -24.41 -11.20 15.00
CA ILE A 313 -24.42 -11.41 13.55
C ILE A 313 -23.07 -11.97 13.08
N ASP A 314 -21.99 -11.27 13.42
CA ASP A 314 -20.63 -11.69 13.07
C ASP A 314 -20.27 -13.04 13.69
N ILE A 315 -20.69 -13.23 14.93
CA ILE A 315 -20.59 -14.51 15.65
C ILE A 315 -21.11 -15.64 14.77
N ILE A 316 -22.33 -15.47 14.28
CA ILE A 316 -23.01 -16.48 13.45
C ILE A 316 -22.39 -16.60 12.06
N LEU A 317 -21.96 -15.45 11.52
CA LEU A 317 -21.28 -15.40 10.22
C LEU A 317 -19.84 -15.94 10.31
N LEU A 318 -19.49 -16.49 11.49
CA LEU A 318 -18.18 -17.10 11.72
C LEU A 318 -18.32 -18.41 12.53
N LYS A 319 -18.30 -18.30 13.86
CA LYS A 319 -18.39 -19.48 14.74
C LYS A 319 -19.48 -19.31 15.81
N SER A 371 -17.83 -8.75 7.41
CA SER A 371 -17.90 -7.51 6.65
C SER A 371 -16.63 -6.68 6.76
N ASP A 372 -16.49 -5.75 5.82
CA ASP A 372 -15.33 -4.88 5.74
C ASP A 372 -15.25 -3.88 6.90
N TRP A 373 -16.40 -3.31 7.29
CA TRP A 373 -16.42 -2.23 8.27
C TRP A 373 -17.56 -2.33 9.31
N ASN A 374 -17.22 -2.85 10.48
CA ASN A 374 -18.13 -3.00 11.62
C ASN A 374 -18.06 -1.77 12.51
N LEU A 375 -18.94 -1.77 13.51
CA LEU A 375 -18.79 -0.90 14.66
C LEU A 375 -17.50 -1.33 15.34
N ARG A 376 -17.32 -2.64 15.50
CA ARG A 376 -16.16 -3.18 16.19
C ARG A 376 -14.84 -2.82 15.52
N LYS A 377 -14.80 -2.92 14.19
CA LYS A 377 -13.64 -2.49 13.43
C LYS A 377 -13.36 -1.04 13.78
N CYS A 378 -14.29 -0.16 13.45
CA CYS A 378 -14.17 1.26 13.71
C CYS A 378 -13.87 1.57 15.18
N SER A 379 -14.58 0.90 16.07
CA SER A 379 -14.40 1.11 17.50
C SER A 379 -12.96 0.85 17.94
N ALA A 380 -12.34 -0.20 17.40
CA ALA A 380 -10.95 -0.55 17.71
C ALA A 380 -9.99 0.37 16.95
N ALA A 381 -10.24 0.56 15.67
CA ALA A 381 -9.44 1.47 14.87
C ALA A 381 -9.23 2.78 15.61
N ALA A 382 -10.34 3.34 16.11
CA ALA A 382 -10.30 4.55 16.93
C ALA A 382 -9.43 4.37 18.17
N LEU A 383 -9.62 3.27 18.90
CA LEU A 383 -8.83 2.99 20.10
C LEU A 383 -7.32 2.92 19.82
N ASP A 384 -6.95 2.22 18.74
CA ASP A 384 -5.55 2.16 18.31
C ASP A 384 -4.98 3.56 18.13
N VAL A 385 -5.62 4.35 17.26
CA VAL A 385 -5.16 5.70 16.94
C VAL A 385 -5.14 6.60 18.18
N LEU A 386 -6.05 6.36 19.11
CA LEU A 386 -6.07 7.13 20.34
C LEU A 386 -4.88 6.75 21.22
N ALA A 387 -4.61 5.45 21.33
CA ALA A 387 -3.46 4.97 22.10
C ALA A 387 -2.16 5.57 21.58
N ASN A 388 -2.16 5.99 20.33
CA ASN A 388 -1.01 6.65 19.75
C ASN A 388 -0.96 8.12 20.11
N VAL A 389 -2.12 8.75 20.23
CA VAL A 389 -2.21 10.15 20.62
C VAL A 389 -1.80 10.33 22.09
N TYR A 390 -2.43 9.54 22.96
CA TYR A 390 -2.28 9.74 24.40
C TYR A 390 -1.16 8.92 25.03
N ARG A 391 -0.58 8.00 24.26
CA ARG A 391 0.51 7.16 24.73
C ARG A 391 0.14 6.50 26.07
N ASP A 392 1.06 6.53 27.04
CA ASP A 392 0.88 5.84 28.32
C ASP A 392 -0.17 6.51 29.19
N GLU A 393 -0.45 7.78 28.87
CA GLU A 393 -1.45 8.57 29.58
C GLU A 393 -2.88 8.02 29.39
N LEU A 394 -3.01 7.06 28.47
CA LEU A 394 -4.29 6.41 28.22
C LEU A 394 -4.56 5.28 29.19
N LEU A 395 -3.48 4.61 29.61
CA LEU A 395 -3.56 3.41 30.44
C LEU A 395 -4.55 3.49 31.61
N PRO A 396 -4.47 4.56 32.44
CA PRO A 396 -5.41 4.71 33.56
C PRO A 396 -6.88 4.37 33.23
N HIS A 397 -7.29 4.64 31.99
CA HIS A 397 -8.68 4.47 31.56
C HIS A 397 -8.96 3.07 31.03
N ILE A 398 -7.92 2.40 30.54
CA ILE A 398 -8.06 1.10 29.88
C ILE A 398 -7.65 -0.09 30.75
N LEU A 399 -6.62 0.12 31.56
CA LEU A 399 -5.97 -0.93 32.32
C LEU A 399 -6.90 -1.67 33.30
N PRO A 400 -7.67 -0.93 34.13
CA PRO A 400 -8.62 -1.57 35.03
C PRO A 400 -9.77 -2.33 34.33
N LEU A 401 -10.01 -2.02 33.06
CA LEU A 401 -11.01 -2.75 32.26
C LEU A 401 -10.48 -4.12 31.87
N LEU A 402 -9.23 -4.14 31.36
CA LEU A 402 -8.55 -5.37 30.97
C LEU A 402 -8.56 -6.43 32.06
N LYS A 403 -8.32 -6.00 33.29
CA LYS A 403 -8.38 -6.87 34.46
C LYS A 403 -9.63 -7.75 34.43
N GLU A 404 -10.79 -7.10 34.31
CA GLU A 404 -12.07 -7.77 34.34
C GLU A 404 -12.35 -8.57 33.05
N LEU A 405 -11.81 -8.09 31.93
CA LEU A 405 -12.08 -8.68 30.61
C LEU A 405 -11.29 -9.95 30.27
N LEU A 406 -9.97 -9.92 30.50
CA LEU A 406 -9.08 -11.00 30.08
C LEU A 406 -9.31 -12.32 30.80
N PHE A 407 -10.14 -12.30 31.84
CA PHE A 407 -10.40 -13.49 32.62
C PHE A 407 -11.88 -13.82 32.62
N HIS A 408 -12.66 -12.98 31.96
CA HIS A 408 -14.12 -13.12 31.91
C HIS A 408 -14.54 -14.49 31.39
N HIS A 409 -15.57 -15.05 32.03
CA HIS A 409 -16.04 -16.41 31.77
C HIS A 409 -16.82 -16.57 30.46
N GLU A 410 -17.39 -15.47 29.97
CA GLU A 410 -17.99 -15.46 28.64
C GLU A 410 -16.91 -15.13 27.62
N TRP A 411 -16.77 -16.01 26.62
CA TRP A 411 -15.69 -15.92 25.65
C TRP A 411 -15.76 -14.65 24.80
N VAL A 412 -16.97 -14.21 24.49
CA VAL A 412 -17.18 -13.02 23.65
C VAL A 412 -16.52 -11.82 24.31
N VAL A 413 -16.62 -11.76 25.63
CA VAL A 413 -16.00 -10.70 26.42
C VAL A 413 -14.46 -10.82 26.39
N LYS A 414 -13.95 -11.99 26.79
CA LYS A 414 -12.52 -12.28 26.77
C LYS A 414 -11.86 -11.90 25.45
N GLU A 415 -12.48 -12.34 24.36
CA GLU A 415 -12.02 -12.04 23.03
C GLU A 415 -11.77 -10.54 22.90
N SER A 416 -12.78 -9.75 23.27
CA SER A 416 -12.70 -8.29 23.11
C SER A 416 -11.62 -7.70 23.98
N GLY A 417 -11.47 -8.26 25.18
CA GLY A 417 -10.36 -7.89 26.04
C GLY A 417 -9.05 -8.13 25.33
N ILE A 418 -8.86 -9.35 24.83
CA ILE A 418 -7.69 -9.66 24.03
C ILE A 418 -7.51 -8.65 22.89
N LEU A 419 -8.58 -8.34 22.16
CA LEU A 419 -8.50 -7.37 21.06
C LEU A 419 -8.06 -5.99 21.54
N VAL A 420 -8.51 -5.61 22.73
CA VAL A 420 -8.14 -4.34 23.33
C VAL A 420 -6.65 -4.37 23.58
N LEU A 421 -6.19 -5.43 24.24
CA LEU A 421 -4.78 -5.61 24.56
C LEU A 421 -3.91 -5.40 23.32
N GLY A 422 -4.42 -5.86 22.18
CA GLY A 422 -3.70 -5.71 20.93
C GLY A 422 -3.68 -4.30 20.36
N ALA A 423 -4.82 -3.63 20.34
CA ALA A 423 -4.93 -2.32 19.70
C ALA A 423 -4.03 -1.27 20.36
N ILE A 424 -4.00 -1.30 21.69
CA ILE A 424 -3.26 -0.30 22.47
C ILE A 424 -1.75 -0.58 22.52
N ALA A 425 -1.35 -1.67 21.86
CA ALA A 425 0.02 -2.15 21.92
C ALA A 425 1.04 -1.15 21.38
N GLU A 426 0.69 -0.41 20.34
CA GLU A 426 1.67 0.47 19.71
C GLU A 426 1.97 1.70 20.56
N GLY A 427 0.93 2.45 20.91
CA GLY A 427 1.10 3.70 21.64
C GLY A 427 1.41 3.52 23.11
N CYS A 428 0.94 2.41 23.68
CA CYS A 428 1.10 2.17 25.12
C CYS A 428 2.13 1.10 25.40
N MET A 429 3.02 0.86 24.45
CA MET A 429 4.01 -0.22 24.58
C MET A 429 4.86 -0.10 25.84
N GLN A 430 5.36 1.11 26.10
CA GLN A 430 6.27 1.35 27.22
C GLN A 430 5.59 1.18 28.58
N GLY A 431 4.38 1.72 28.69
CA GLY A 431 3.58 1.58 29.90
C GLY A 431 3.00 0.20 30.15
N MET A 432 2.99 -0.65 29.11
CA MET A 432 2.47 -2.01 29.27
C MET A 432 3.51 -2.99 29.80
N ILE A 433 4.78 -2.66 29.61
CA ILE A 433 5.93 -3.53 29.96
C ILE A 433 5.88 -4.19 31.35
N PRO A 434 5.45 -3.46 32.41
CA PRO A 434 5.43 -4.08 33.73
C PRO A 434 4.38 -5.20 33.87
N TYR A 435 3.39 -5.22 32.98
CA TYR A 435 2.32 -6.20 33.08
C TYR A 435 2.51 -7.37 32.14
N LEU A 436 3.41 -7.20 31.17
CA LEU A 436 3.70 -8.24 30.17
C LEU A 436 4.19 -9.58 30.75
N PRO A 437 5.02 -9.54 31.82
CA PRO A 437 5.38 -10.80 32.48
C PRO A 437 4.18 -11.65 32.93
N GLU A 438 3.06 -11.03 33.28
CA GLU A 438 1.84 -11.79 33.61
C GLU A 438 1.03 -12.06 32.34
N LEU A 439 0.89 -11.02 31.51
CA LEU A 439 0.04 -11.06 30.33
C LEU A 439 0.50 -12.02 29.23
N ILE A 440 1.80 -11.96 28.89
CA ILE A 440 2.35 -12.79 27.81
C ILE A 440 2.13 -14.28 28.05
N PRO A 441 2.53 -14.80 29.23
CA PRO A 441 2.26 -16.22 29.47
C PRO A 441 0.77 -16.54 29.48
N HIS A 442 -0.07 -15.58 29.90
CA HIS A 442 -1.52 -15.76 29.94
C HIS A 442 -2.13 -15.95 28.56
N LEU A 443 -1.70 -15.12 27.61
CA LEU A 443 -2.14 -15.25 26.23
C LEU A 443 -1.64 -16.56 25.60
N ILE A 444 -0.39 -16.92 25.88
CA ILE A 444 0.19 -18.17 25.37
C ILE A 444 -0.69 -19.35 25.80
N GLN A 445 -1.32 -19.19 26.96
CA GLN A 445 -2.27 -20.17 27.47
C GLN A 445 -3.58 -20.08 26.69
N CYS A 446 -3.99 -18.86 26.36
CA CYS A 446 -5.26 -18.63 25.65
C CYS A 446 -5.28 -19.24 24.26
N LEU A 447 -4.10 -19.39 23.66
CA LEU A 447 -3.97 -20.05 22.37
C LEU A 447 -4.59 -21.44 22.37
N SER A 448 -4.66 -22.08 23.53
CA SER A 448 -5.25 -23.41 23.64
C SER A 448 -6.74 -23.36 23.97
N ASP A 449 -7.32 -22.16 24.00
CA ASP A 449 -8.73 -21.99 24.35
C ASP A 449 -9.59 -22.71 23.31
N LYS A 450 -10.72 -23.26 23.74
CA LYS A 450 -11.54 -24.07 22.85
C LYS A 450 -12.23 -23.27 21.73
N LYS A 451 -12.63 -22.04 22.04
CA LYS A 451 -13.27 -21.18 21.04
C LYS A 451 -12.24 -20.65 20.04
N ALA A 452 -12.48 -20.94 18.76
CA ALA A 452 -11.53 -20.62 17.69
C ALA A 452 -11.21 -19.13 17.60
N LEU A 453 -12.23 -18.29 17.77
CA LEU A 453 -12.07 -16.84 17.69
C LEU A 453 -11.26 -16.27 18.85
N VAL A 454 -11.30 -16.94 20.00
CA VAL A 454 -10.44 -16.59 21.12
C VAL A 454 -8.98 -16.90 20.78
N ARG A 455 -8.74 -18.03 20.13
CA ARG A 455 -7.39 -18.40 19.67
C ARG A 455 -6.82 -17.41 18.64
N SER A 456 -7.67 -16.93 17.74
CA SER A 456 -7.22 -16.13 16.61
C SER A 456 -6.69 -14.71 16.95
N ILE A 457 -7.41 -13.92 17.76
CA ILE A 457 -6.86 -12.62 18.17
C ILE A 457 -5.64 -12.85 19.03
N THR A 458 -5.65 -13.91 19.83
CA THR A 458 -4.51 -14.21 20.68
C THR A 458 -3.24 -14.29 19.86
N CYS A 459 -3.29 -14.96 18.71
CA CYS A 459 -2.17 -14.93 17.78
C CYS A 459 -1.79 -13.51 17.43
N TRP A 460 -2.77 -12.71 17.04
CA TRP A 460 -2.53 -11.36 16.58
C TRP A 460 -2.03 -10.45 17.71
N THR A 461 -2.64 -10.56 18.89
CA THR A 461 -2.27 -9.71 20.03
C THR A 461 -0.83 -9.99 20.44
N LEU A 462 -0.49 -11.28 20.57
CA LEU A 462 0.89 -11.74 20.85
C LEU A 462 1.88 -11.25 19.81
N SER A 463 1.47 -11.23 18.55
CA SER A 463 2.29 -10.74 17.47
C SER A 463 2.61 -9.27 17.68
N ARG A 464 1.76 -8.61 18.48
CA ARG A 464 1.87 -7.18 18.64
C ARG A 464 2.71 -6.79 19.86
N TYR A 465 3.18 -7.79 20.59
CA TYR A 465 4.21 -7.60 21.64
C TYR A 465 5.42 -8.47 21.31
N ALA A 466 5.58 -8.76 20.02
CA ALA A 466 6.64 -9.64 19.53
C ALA A 466 8.02 -9.05 19.74
N HIS A 467 8.09 -7.73 19.89
CA HIS A 467 9.39 -7.11 20.12
C HIS A 467 9.84 -7.33 21.55
N TRP A 468 8.96 -7.10 22.50
CA TRP A 468 9.30 -7.29 23.91
C TRP A 468 9.67 -8.74 24.18
N VAL A 469 8.98 -9.67 23.51
CA VAL A 469 9.19 -11.09 23.72
C VAL A 469 10.62 -11.53 23.35
N VAL A 470 11.13 -11.03 22.23
CA VAL A 470 12.53 -11.31 21.84
C VAL A 470 13.54 -10.57 22.71
N SER A 471 13.10 -9.48 23.35
CA SER A 471 13.97 -8.71 24.24
C SER A 471 14.23 -9.41 25.60
N GLN A 472 13.82 -10.67 25.72
CA GLN A 472 13.96 -11.46 26.94
C GLN A 472 14.76 -12.73 26.67
N PRO A 473 15.31 -13.37 27.74
CA PRO A 473 15.91 -14.71 27.61
C PRO A 473 14.97 -15.67 26.85
N PRO A 474 15.42 -16.17 25.68
CA PRO A 474 14.57 -16.88 24.70
C PRO A 474 13.74 -18.06 25.24
N ASP A 475 14.28 -18.83 26.19
CA ASP A 475 13.55 -19.96 26.79
C ASP A 475 12.30 -19.56 27.60
N THR A 476 12.26 -18.31 28.08
CA THR A 476 11.20 -17.89 29.01
C THR A 476 9.89 -17.46 28.32
N TYR A 477 9.98 -16.68 27.24
CA TYR A 477 8.80 -16.21 26.50
C TYR A 477 8.76 -16.64 25.03
N LEU A 478 9.85 -16.41 24.30
CA LEU A 478 9.96 -16.72 22.87
C LEU A 478 9.74 -18.19 22.52
N LYS A 479 10.33 -19.10 23.31
CA LYS A 479 10.28 -20.54 23.01
C LYS A 479 8.87 -21.12 23.19
N PRO A 480 8.24 -20.89 24.36
CA PRO A 480 6.84 -21.30 24.53
C PRO A 480 5.96 -20.74 23.41
N LEU A 481 6.02 -19.41 23.20
CA LEU A 481 5.29 -18.76 22.13
C LEU A 481 5.51 -19.51 20.83
N MET A 482 6.78 -19.66 20.46
CA MET A 482 7.13 -20.31 19.20
C MET A 482 6.44 -21.66 19.02
N THR A 483 6.56 -22.53 20.01
CA THR A 483 5.95 -23.86 19.95
C THR A 483 4.44 -23.79 19.72
N GLU A 484 3.77 -22.93 20.48
CA GLU A 484 2.32 -22.81 20.47
C GLU A 484 1.77 -22.21 19.17
N LEU A 485 2.45 -21.18 18.70
CA LEU A 485 2.10 -20.52 17.47
C LEU A 485 2.27 -21.52 16.32
N LEU A 486 3.25 -22.41 16.45
CA LEU A 486 3.50 -23.42 15.42
C LEU A 486 2.39 -24.45 15.32
N LYS A 487 1.80 -24.82 16.45
CA LYS A 487 0.68 -25.74 16.46
C LYS A 487 -0.54 -25.08 15.82
N ARG A 488 -0.75 -23.82 16.18
CA ARG A 488 -1.84 -23.02 15.64
C ARG A 488 -1.77 -22.81 14.13
N ILE A 489 -0.56 -22.79 13.56
CA ILE A 489 -0.41 -22.73 12.11
C ILE A 489 -1.19 -23.89 11.44
N LEU A 490 -1.09 -25.08 12.02
CA LEU A 490 -1.88 -26.24 11.60
C LEU A 490 -3.20 -26.41 12.36
N ASP A 491 -3.73 -25.31 12.91
CA ASP A 491 -5.06 -25.34 13.51
C ASP A 491 -6.04 -25.75 12.41
N SER A 492 -7.16 -26.34 12.79
CA SER A 492 -8.14 -26.81 11.78
C SER A 492 -9.11 -25.70 11.34
N ASN A 493 -9.12 -24.60 12.08
CA ASN A 493 -9.97 -23.46 11.74
C ASN A 493 -9.18 -22.48 10.88
N LYS A 494 -9.72 -22.19 9.70
CA LYS A 494 -9.09 -21.29 8.71
C LYS A 494 -8.70 -19.92 9.27
N ARG A 495 -9.59 -19.35 10.09
CA ARG A 495 -9.38 -18.05 10.71
C ARG A 495 -8.16 -18.06 11.65
N VAL A 496 -7.94 -19.19 12.30
CA VAL A 496 -6.82 -19.33 13.23
C VAL A 496 -5.50 -19.55 12.51
N GLN A 497 -5.57 -20.24 11.37
CA GLN A 497 -4.41 -20.44 10.51
C GLN A 497 -3.93 -19.09 10.01
N GLU A 498 -4.87 -18.32 9.45
CA GLU A 498 -4.66 -16.96 8.98
C GLU A 498 -3.97 -16.16 10.06
N ALA A 499 -4.45 -16.29 11.29
CA ALA A 499 -3.92 -15.53 12.40
C ALA A 499 -2.52 -15.96 12.82
N ALA A 500 -2.34 -17.26 13.06
CA ALA A 500 -1.08 -17.82 13.56
C ALA A 500 0.05 -17.70 12.55
N CYS A 501 -0.22 -18.08 11.31
CA CYS A 501 0.78 -17.97 10.25
C CYS A 501 1.22 -16.51 10.11
N SER A 502 0.24 -15.61 10.17
CA SER A 502 0.48 -14.17 10.16
C SER A 502 1.37 -13.74 11.33
N ALA A 503 0.95 -14.10 12.53
CA ALA A 503 1.67 -13.76 13.73
C ALA A 503 3.08 -14.30 13.65
N PHE A 504 3.21 -15.54 13.18
CA PHE A 504 4.52 -16.17 13.11
C PHE A 504 5.44 -15.42 12.15
N ALA A 505 4.90 -15.06 10.99
CA ALA A 505 5.63 -14.24 10.06
C ALA A 505 6.13 -13.00 10.80
N THR A 506 5.23 -12.34 11.53
CA THR A 506 5.59 -11.16 12.32
C THR A 506 6.73 -11.47 13.29
N LEU A 507 6.60 -12.58 14.00
CA LEU A 507 7.58 -12.96 15.00
C LEU A 507 8.96 -13.20 14.40
N GLU A 508 8.98 -13.77 13.20
CA GLU A 508 10.22 -14.09 12.51
C GLU A 508 11.02 -12.84 12.15
N GLU A 509 10.29 -11.79 11.75
CA GLU A 509 10.87 -10.49 11.47
C GLU A 509 11.61 -9.91 12.68
N GLU A 510 11.11 -10.21 13.87
CA GLU A 510 11.67 -9.71 15.13
C GLU A 510 12.74 -10.63 15.71
N ALA A 511 12.70 -11.91 15.32
CA ALA A 511 13.59 -12.90 15.92
C ALA A 511 14.94 -13.00 15.20
N CYS A 512 14.92 -13.23 13.88
CA CYS A 512 16.11 -13.30 13.02
C CYS A 512 17.40 -13.76 13.71
N THR A 513 17.77 -15.00 13.43
CA THR A 513 18.93 -15.74 14.01
C THR A 513 18.58 -16.42 15.33
N GLU A 514 17.57 -15.87 16.03
CA GLU A 514 17.04 -16.52 17.23
C GLU A 514 16.13 -17.70 16.89
N LEU A 515 15.83 -17.85 15.60
CA LEU A 515 15.06 -18.99 15.11
C LEU A 515 15.99 -20.13 14.70
N VAL A 516 17.26 -19.81 14.46
CA VAL A 516 18.25 -20.77 13.94
C VAL A 516 18.18 -22.15 14.62
N PRO A 517 18.22 -22.19 15.97
CA PRO A 517 18.12 -23.52 16.61
C PRO A 517 16.80 -24.23 16.37
N TYR A 518 15.78 -23.48 15.94
CA TYR A 518 14.42 -24.02 15.78
C TYR A 518 14.05 -24.27 14.31
N LEU A 519 14.97 -23.96 13.39
CA LEU A 519 14.74 -24.09 11.95
C LEU A 519 14.07 -25.40 11.54
N ALA A 520 14.69 -26.52 11.93
CA ALA A 520 14.19 -27.85 11.59
C ALA A 520 12.74 -28.03 12.00
N TYR A 521 12.36 -27.38 13.09
CA TYR A 521 11.01 -27.45 13.64
C TYR A 521 10.08 -26.48 12.91
N ILE A 522 10.58 -25.28 12.58
CA ILE A 522 9.82 -24.29 11.82
C ILE A 522 9.42 -24.89 10.47
N LEU A 523 10.42 -25.36 9.74
CA LEU A 523 10.25 -25.85 8.37
C LEU A 523 9.30 -27.03 8.33
N ASP A 524 9.48 -27.95 9.27
CA ASP A 524 8.66 -29.15 9.35
C ASP A 524 7.17 -28.81 9.34
N THR A 525 6.77 -27.88 10.19
CA THR A 525 5.36 -27.49 10.29
C THR A 525 4.99 -26.52 9.17
N LEU A 526 5.97 -25.79 8.65
CA LEU A 526 5.74 -24.83 7.57
C LEU A 526 5.48 -25.48 6.22
N VAL A 527 6.22 -26.55 5.90
CA VAL A 527 6.01 -27.26 4.63
C VAL A 527 4.75 -28.12 4.65
N PHE A 528 4.40 -28.65 5.82
CA PHE A 528 3.20 -29.45 5.94
C PHE A 528 1.97 -28.60 5.68
N ALA A 529 2.02 -27.35 6.12
CA ALA A 529 0.97 -26.36 5.86
C ALA A 529 0.59 -26.30 4.39
N PHE A 530 1.55 -26.55 3.50
CA PHE A 530 1.27 -26.60 2.06
C PHE A 530 0.10 -27.53 1.73
N SER A 531 0.14 -28.76 2.23
CA SER A 531 -0.93 -29.71 1.98
C SER A 531 -2.07 -29.57 3.00
N LYS A 532 -2.52 -28.33 3.18
CA LYS A 532 -3.58 -28.00 4.13
C LYS A 532 -4.14 -26.61 3.80
N TYR A 533 -3.27 -25.70 3.39
CA TYR A 533 -3.62 -24.30 3.21
C TYR A 533 -4.40 -24.01 1.95
N GLN A 534 -5.50 -23.27 2.13
CA GLN A 534 -6.46 -22.94 1.07
C GLN A 534 -5.81 -22.12 -0.03
N HIS A 535 -5.89 -20.80 0.12
CA HIS A 535 -5.33 -19.84 -0.82
C HIS A 535 -5.11 -18.53 -0.10
N LYS A 536 -6.17 -17.99 0.50
CA LYS A 536 -6.08 -16.79 1.32
C LYS A 536 -4.97 -16.99 2.35
N ASN A 537 -4.95 -18.18 2.94
CA ASN A 537 -3.91 -18.55 3.90
C ASN A 537 -2.59 -18.94 3.24
N LEU A 538 -2.66 -19.65 2.12
CA LEU A 538 -1.45 -20.05 1.39
C LEU A 538 -0.55 -18.85 1.13
N LEU A 539 -1.18 -17.75 0.73
CA LEU A 539 -0.51 -16.50 0.39
C LEU A 539 0.31 -15.98 1.56
N ILE A 540 -0.27 -16.11 2.76
CA ILE A 540 0.42 -15.77 4.00
C ILE A 540 1.56 -16.75 4.27
N LEU A 541 1.41 -18.00 3.86
CA LEU A 541 2.45 -19.01 4.07
C LEU A 541 3.70 -18.68 3.25
N TYR A 542 3.48 -18.19 2.03
CA TYR A 542 4.58 -17.70 1.21
C TYR A 542 5.33 -16.61 1.96
N ASP A 543 4.57 -15.68 2.54
CA ASP A 543 5.12 -14.63 3.37
C ASP A 543 5.88 -15.21 4.58
N ALA A 544 5.29 -16.22 5.21
CA ALA A 544 5.90 -16.85 6.37
C ALA A 544 7.24 -17.45 5.97
N ILE A 545 7.25 -18.14 4.82
CA ILE A 545 8.47 -18.80 4.35
C ILE A 545 9.48 -17.76 3.89
N GLY A 546 9.02 -16.78 3.13
CA GLY A 546 9.87 -15.69 2.66
C GLY A 546 10.60 -15.02 3.79
N THR A 547 9.83 -14.56 4.77
CA THR A 547 10.38 -13.94 5.98
C THR A 547 11.36 -14.87 6.72
N LEU A 548 11.02 -16.16 6.82
CA LEU A 548 11.91 -17.12 7.48
C LEU A 548 13.31 -16.99 6.89
N ALA A 549 13.40 -17.08 5.56
CA ALA A 549 14.69 -16.99 4.87
C ALA A 549 15.33 -15.62 5.07
N ASP A 550 14.51 -14.59 5.03
CA ASP A 550 14.96 -13.23 5.31
C ASP A 550 15.50 -13.06 6.73
N SER A 551 15.17 -14.00 7.61
CA SER A 551 15.56 -13.90 9.00
C SER A 551 16.85 -14.67 9.27
N VAL A 552 16.83 -15.97 8.97
CA VAL A 552 17.98 -16.83 9.20
C VAL A 552 19.16 -16.53 8.27
N GLY A 553 18.86 -16.14 7.03
CA GLY A 553 19.88 -15.92 6.03
C GLY A 553 20.58 -17.22 5.68
N HIS A 554 21.89 -17.13 5.45
CA HIS A 554 22.71 -18.27 5.01
C HIS A 554 22.61 -19.50 5.93
N HIS A 555 21.98 -19.32 7.09
CA HIS A 555 21.74 -20.40 8.04
C HIS A 555 20.79 -21.47 7.48
N LEU A 556 19.93 -21.07 6.54
CA LEU A 556 18.99 -22.00 5.88
C LEU A 556 19.70 -22.91 4.87
N ASN A 557 20.93 -22.55 4.50
CA ASN A 557 21.67 -23.21 3.43
C ASN A 557 22.25 -24.56 3.83
N LYS A 558 21.38 -25.52 4.08
CA LYS A 558 21.79 -26.87 4.47
C LYS A 558 21.05 -27.90 3.62
N PRO A 559 21.76 -28.94 3.13
CA PRO A 559 21.14 -29.95 2.28
C PRO A 559 19.80 -30.47 2.79
N GLU A 560 19.75 -30.84 4.07
CA GLU A 560 18.55 -31.40 4.70
C GLU A 560 17.30 -30.52 4.57
N TYR A 561 17.45 -29.20 4.76
CA TYR A 561 16.34 -28.24 4.73
C TYR A 561 15.80 -28.01 3.32
N ILE A 562 16.71 -27.91 2.36
CA ILE A 562 16.39 -27.71 0.95
C ILE A 562 15.55 -28.88 0.39
N GLN A 563 15.83 -30.09 0.89
CA GLN A 563 15.08 -31.31 0.53
C GLN A 563 13.58 -31.20 0.84
N MET A 564 13.25 -30.47 1.90
CA MET A 564 11.86 -30.31 2.33
C MET A 564 11.18 -29.15 1.61
N LEU A 565 11.88 -28.01 1.56
CA LEU A 565 11.27 -26.74 1.18
C LEU A 565 11.06 -26.58 -0.32
N MET A 566 12.09 -26.88 -1.09
CA MET A 566 12.08 -26.60 -2.53
C MET A 566 11.08 -27.44 -3.33
N PRO A 567 11.02 -28.77 -3.09
CA PRO A 567 10.11 -29.60 -3.90
C PRO A 567 8.65 -29.12 -3.96
N PRO A 568 8.01 -28.81 -2.80
CA PRO A 568 6.64 -28.31 -2.89
C PRO A 568 6.56 -26.84 -3.30
N LEU A 569 7.68 -26.12 -3.19
CA LEU A 569 7.75 -24.73 -3.59
C LEU A 569 7.84 -24.67 -5.11
N ILE A 570 8.61 -25.58 -5.69
CA ILE A 570 8.77 -25.66 -7.13
C ILE A 570 7.57 -26.37 -7.78
N GLN A 571 6.85 -27.15 -6.97
CA GLN A 571 5.63 -27.82 -7.39
C GLN A 571 4.53 -26.79 -7.64
N LYS A 572 4.37 -25.84 -6.71
CA LYS A 572 3.41 -24.75 -6.84
C LYS A 572 3.82 -23.81 -7.98
N TRP A 573 5.12 -23.68 -8.18
CA TRP A 573 5.71 -22.88 -9.26
C TRP A 573 5.29 -23.39 -10.63
N ASN A 574 5.25 -24.72 -10.77
CA ASN A 574 4.84 -25.36 -12.01
C ASN A 574 3.40 -25.05 -12.37
N MET A 575 2.48 -25.36 -11.45
CA MET A 575 1.06 -25.18 -11.72
C MET A 575 0.58 -23.72 -11.58
N LEU A 576 1.51 -22.78 -11.76
CA LEU A 576 1.16 -21.37 -11.88
C LEU A 576 1.29 -20.93 -13.32
N LYS A 577 0.18 -20.48 -13.90
CA LYS A 577 0.19 -19.88 -15.23
C LYS A 577 0.91 -18.52 -15.17
N ASP A 578 1.61 -18.17 -16.25
CA ASP A 578 2.28 -16.88 -16.36
C ASP A 578 1.30 -15.72 -16.07
N GLU A 579 0.01 -16.02 -16.23
CA GLU A 579 -1.06 -15.06 -16.06
C GLU A 579 -1.70 -15.18 -14.68
N ASP A 580 -1.48 -16.33 -14.03
CA ASP A 580 -1.97 -16.62 -12.67
C ASP A 580 -1.58 -15.51 -11.69
N LYS A 581 -2.49 -15.18 -10.78
CA LYS A 581 -2.29 -14.05 -9.87
C LYS A 581 -1.62 -14.45 -8.56
N ASP A 582 -0.94 -15.59 -8.59
CA ASP A 582 -0.18 -16.10 -7.44
C ASP A 582 1.33 -15.87 -7.60
N LEU A 583 1.80 -15.62 -8.82
CA LEU A 583 3.21 -15.30 -9.08
C LEU A 583 3.67 -14.10 -8.27
N PHE A 584 2.78 -13.12 -8.18
CA PHE A 584 3.00 -11.88 -7.43
C PHE A 584 3.74 -12.15 -6.11
N PRO A 585 3.10 -12.86 -5.14
CA PRO A 585 3.78 -13.09 -3.85
C PRO A 585 4.75 -14.29 -3.83
N LEU A 586 4.79 -15.06 -4.91
CA LEU A 586 5.65 -16.24 -4.97
C LEU A 586 7.05 -15.89 -5.48
N LEU A 587 7.14 -14.91 -6.38
CA LEU A 587 8.42 -14.39 -6.82
C LEU A 587 9.16 -13.74 -5.66
N GLU A 588 8.42 -12.99 -4.85
CA GLU A 588 8.93 -12.39 -3.61
C GLU A 588 9.47 -13.47 -2.67
N CYS A 589 8.82 -14.63 -2.70
CA CYS A 589 9.14 -15.74 -1.80
C CYS A 589 10.36 -16.52 -2.26
N LEU A 590 10.44 -16.81 -3.56
CA LEU A 590 11.60 -17.49 -4.12
C LEU A 590 12.81 -16.58 -4.25
N SER A 591 12.55 -15.27 -4.43
CA SER A 591 13.58 -14.24 -4.39
C SER A 591 14.34 -14.26 -3.06
N SER A 592 13.59 -14.29 -1.96
CA SER A 592 14.17 -14.41 -0.63
C SER A 592 14.90 -15.74 -0.47
N VAL A 593 14.21 -16.85 -0.76
CA VAL A 593 14.76 -18.19 -0.58
C VAL A 593 16.06 -18.36 -1.36
N ALA A 594 16.08 -17.87 -2.60
CA ALA A 594 17.29 -17.94 -3.44
C ALA A 594 18.48 -17.28 -2.77
N THR A 595 18.27 -16.04 -2.31
CA THR A 595 19.30 -15.25 -1.67
C THR A 595 19.92 -15.97 -0.47
N ALA A 596 19.08 -16.52 0.38
CA ALA A 596 19.53 -17.20 1.60
C ALA A 596 20.28 -18.49 1.29
N LEU A 597 19.76 -19.26 0.32
CA LEU A 597 20.37 -20.54 -0.06
C LEU A 597 21.61 -20.37 -0.92
N GLN A 598 21.87 -19.14 -1.37
CA GLN A 598 23.03 -18.83 -2.21
C GLN A 598 23.25 -19.89 -3.29
N SER A 599 24.46 -20.44 -3.37
CA SER A 599 24.83 -21.38 -4.44
C SER A 599 23.99 -22.67 -4.45
N GLY A 600 23.37 -22.99 -3.32
CA GLY A 600 22.57 -24.20 -3.17
C GLY A 600 21.22 -24.19 -3.87
N PHE A 601 20.87 -23.04 -4.43
CA PHE A 601 19.63 -22.86 -5.19
C PHE A 601 19.78 -23.39 -6.61
N LEU A 602 21.03 -23.60 -7.03
CA LEU A 602 21.39 -23.99 -8.39
C LEU A 602 20.46 -25.04 -9.05
N PRO A 603 20.18 -26.17 -8.36
CA PRO A 603 19.40 -27.23 -9.03
C PRO A 603 17.96 -26.84 -9.34
N TYR A 604 17.51 -25.71 -8.76
CA TYR A 604 16.13 -25.27 -8.91
C TYR A 604 16.02 -23.94 -9.66
N CYS A 605 17.17 -23.35 -10.00
CA CYS A 605 17.21 -22.02 -10.61
C CYS A 605 16.86 -21.99 -12.09
N GLU A 606 16.99 -23.15 -12.74
CA GLU A 606 16.62 -23.31 -14.15
C GLU A 606 15.30 -22.61 -14.54
N PRO A 607 14.17 -22.96 -13.88
CA PRO A 607 12.90 -22.43 -14.39
C PRO A 607 12.59 -21.02 -13.91
N VAL A 608 13.05 -20.66 -12.71
CA VAL A 608 12.79 -19.34 -12.14
C VAL A 608 13.49 -18.24 -12.93
N TYR A 609 14.67 -18.56 -13.48
CA TYR A 609 15.41 -17.64 -14.32
C TYR A 609 14.63 -17.32 -15.58
N GLN A 610 14.36 -18.34 -16.39
CA GLN A 610 13.72 -18.16 -17.70
C GLN A 610 12.32 -17.54 -17.61
N ARG A 611 11.57 -17.91 -16.57
CA ARG A 611 10.23 -17.38 -16.34
C ARG A 611 10.29 -15.87 -16.00
N CYS A 612 11.38 -15.46 -15.36
CA CYS A 612 11.60 -14.06 -15.08
C CYS A 612 11.94 -13.27 -16.34
N VAL A 613 12.94 -13.71 -17.10
CA VAL A 613 13.30 -13.04 -18.34
C VAL A 613 12.06 -12.83 -19.21
N ASN A 614 11.21 -13.87 -19.28
CA ASN A 614 9.88 -13.82 -19.94
C ASN A 614 9.07 -12.61 -19.52
N LEU A 615 8.89 -12.47 -18.21
CA LEU A 615 8.15 -11.37 -17.61
C LEU A 615 8.70 -10.02 -18.02
N VAL A 616 10.03 -9.88 -17.97
CA VAL A 616 10.70 -8.64 -18.36
C VAL A 616 10.37 -8.30 -19.81
N GLN A 617 10.40 -9.32 -20.68
CA GLN A 617 10.06 -9.13 -22.08
C GLN A 617 8.56 -8.87 -22.25
N LYS A 618 7.74 -9.68 -21.58
CA LYS A 618 6.29 -9.45 -21.58
C LYS A 618 5.96 -7.99 -21.31
N THR A 619 6.52 -7.43 -20.25
CA THR A 619 6.22 -6.09 -19.78
C THR A 619 6.74 -4.98 -20.71
N LEU A 620 7.84 -5.25 -21.39
CA LEU A 620 8.43 -4.25 -22.29
C LEU A 620 7.65 -4.18 -23.59
N ALA A 621 7.34 -5.36 -24.14
CA ALA A 621 6.50 -5.49 -25.34
C ALA A 621 5.11 -4.92 -25.11
N GLN A 622 4.51 -5.26 -23.97
CA GLN A 622 3.30 -4.64 -23.46
C GLN A 622 3.41 -3.12 -23.51
N ALA A 623 4.47 -2.58 -22.93
CA ALA A 623 4.68 -1.13 -22.85
C ALA A 623 4.82 -0.47 -24.21
N MET A 624 5.62 -1.08 -25.09
CA MET A 624 5.81 -0.58 -26.44
C MET A 624 4.51 -0.38 -27.20
N LEU A 625 3.63 -1.36 -27.13
CA LEU A 625 2.34 -1.32 -27.83
C LEU A 625 1.50 -0.20 -27.26
N ASN A 626 1.50 -0.08 -25.95
CA ASN A 626 0.76 0.96 -25.24
C ASN A 626 1.16 2.38 -25.66
N ASN A 627 2.34 2.52 -26.25
CA ASN A 627 2.83 3.80 -26.75
C ASN A 627 2.16 4.23 -28.06
N ALA A 628 1.33 3.35 -28.61
CA ALA A 628 0.59 3.64 -29.83
C ALA A 628 -0.81 2.99 -29.81
N GLN A 629 -1.09 2.24 -28.75
CA GLN A 629 -2.37 1.56 -28.56
C GLN A 629 -3.12 1.98 -27.28
N PRO A 630 -3.01 3.26 -26.85
CA PRO A 630 -3.86 3.68 -25.72
C PRO A 630 -5.35 3.70 -26.07
N ASP A 631 -5.79 2.66 -26.78
CA ASP A 631 -7.20 2.39 -27.05
C ASP A 631 -7.37 0.87 -27.16
N GLN A 632 -6.28 0.20 -27.55
CA GLN A 632 -6.31 -1.23 -27.85
C GLN A 632 -5.65 -2.05 -26.77
N TYR A 633 -4.36 -1.79 -26.52
CA TYR A 633 -3.59 -2.53 -25.52
C TYR A 633 -3.35 -1.71 -24.24
N GLU A 634 -3.39 -2.41 -23.11
CA GLU A 634 -3.35 -1.78 -21.78
C GLU A 634 -1.94 -1.63 -21.20
N ALA A 635 -1.73 -0.50 -20.52
CA ALA A 635 -0.48 -0.20 -19.81
C ALA A 635 -0.12 -1.29 -18.80
N PRO A 636 1.10 -1.83 -18.90
CA PRO A 636 1.46 -2.97 -18.05
C PRO A 636 1.86 -2.55 -16.64
N ASP A 637 1.76 -3.50 -15.71
CA ASP A 637 2.17 -3.26 -14.33
C ASP A 637 3.67 -3.41 -14.24
N LYS A 638 4.38 -2.29 -14.07
CA LYS A 638 5.84 -2.28 -14.10
C LYS A 638 6.52 -2.83 -12.82
N ASP A 639 5.72 -3.12 -11.79
CA ASP A 639 6.23 -3.74 -10.57
C ASP A 639 6.59 -5.20 -10.78
N PHE A 640 5.99 -5.82 -11.80
CA PHE A 640 6.31 -7.20 -12.17
C PHE A 640 7.69 -7.28 -12.78
N MET A 641 8.04 -6.24 -13.54
CA MET A 641 9.36 -6.10 -14.13
C MET A 641 10.38 -5.93 -13.01
N ILE A 642 10.07 -5.04 -12.07
CA ILE A 642 10.95 -4.68 -10.96
C ILE A 642 11.27 -5.88 -10.06
N VAL A 643 10.29 -6.74 -9.81
CA VAL A 643 10.56 -7.93 -8.99
C VAL A 643 11.41 -8.93 -9.75
N ALA A 644 11.10 -9.11 -11.03
CA ALA A 644 11.85 -10.00 -11.90
C ALA A 644 13.30 -9.57 -12.01
N LEU A 645 13.52 -8.26 -12.18
CA LEU A 645 14.86 -7.68 -12.22
C LEU A 645 15.61 -7.95 -10.90
N ASP A 646 14.91 -7.76 -9.79
CA ASP A 646 15.46 -7.98 -8.46
C ASP A 646 15.71 -9.47 -8.18
N LEU A 647 14.81 -10.33 -8.63
CA LEU A 647 14.97 -11.76 -8.50
C LEU A 647 16.14 -12.23 -9.36
N LEU A 648 16.27 -11.65 -10.55
CA LEU A 648 17.43 -11.89 -11.39
C LEU A 648 18.71 -11.37 -10.73
N SER A 649 18.64 -10.20 -10.11
CA SER A 649 19.78 -9.62 -9.37
C SER A 649 20.27 -10.58 -8.31
N GLY A 650 19.34 -11.28 -7.68
CA GLY A 650 19.64 -12.15 -6.55
C GLY A 650 20.09 -13.54 -6.95
N LEU A 651 19.64 -13.99 -8.12
CA LEU A 651 20.11 -15.24 -8.70
C LEU A 651 21.55 -15.15 -9.16
N ALA A 652 21.91 -13.97 -9.68
CA ALA A 652 23.28 -13.68 -10.12
C ALA A 652 24.19 -13.42 -8.94
N GLU A 653 23.62 -12.84 -7.88
CA GLU A 653 24.38 -12.48 -6.70
C GLU A 653 24.63 -13.70 -5.84
N GLY A 654 23.76 -14.69 -5.94
CA GLY A 654 23.83 -15.89 -5.10
C GLY A 654 24.45 -17.09 -5.78
N LEU A 655 24.36 -17.14 -7.11
CA LEU A 655 24.89 -18.25 -7.91
C LEU A 655 26.20 -17.89 -8.63
N GLY A 656 26.69 -16.67 -8.41
CA GLY A 656 27.97 -16.21 -8.94
C GLY A 656 28.31 -16.66 -10.35
N GLY A 657 29.34 -17.49 -10.46
CA GLY A 657 29.81 -18.01 -11.75
C GLY A 657 28.74 -18.76 -12.55
N ASN A 658 28.01 -19.62 -11.86
CA ASN A 658 27.10 -20.58 -12.51
C ASN A 658 25.99 -20.00 -13.38
N ILE A 659 25.66 -18.73 -13.15
CA ILE A 659 24.61 -18.04 -13.91
C ILE A 659 24.97 -17.86 -15.41
N GLU A 660 26.27 -17.89 -15.70
CA GLU A 660 26.80 -17.69 -17.06
C GLU A 660 26.06 -18.48 -18.16
N GLN A 661 25.81 -19.76 -17.87
CA GLN A 661 25.07 -20.63 -18.77
C GLN A 661 23.67 -20.10 -19.10
N LEU A 662 23.02 -19.53 -18.09
CA LEU A 662 21.67 -19.00 -18.26
C LEU A 662 21.67 -17.61 -18.89
N VAL A 663 22.67 -16.80 -18.53
CA VAL A 663 22.83 -15.45 -19.09
C VAL A 663 23.16 -15.53 -20.59
N ALA A 664 23.99 -16.50 -20.96
CA ALA A 664 24.38 -16.71 -22.35
C ALA A 664 23.19 -16.94 -23.28
N ARG A 665 22.45 -18.03 -23.07
CA ARG A 665 21.35 -18.41 -23.96
C ARG A 665 20.03 -17.68 -23.68
N SER A 666 20.13 -16.39 -23.40
CA SER A 666 18.96 -15.52 -23.20
C SER A 666 19.25 -14.09 -23.61
N ASN A 667 18.20 -13.32 -23.87
CA ASN A 667 18.31 -11.92 -24.26
C ASN A 667 18.37 -10.99 -23.04
N ILE A 668 18.71 -11.56 -21.90
CA ILE A 668 18.78 -10.85 -20.62
C ILE A 668 19.38 -9.43 -20.72
N LEU A 669 20.46 -9.30 -21.49
CA LEU A 669 21.19 -8.05 -21.59
C LEU A 669 20.52 -7.06 -22.53
N THR A 670 19.82 -7.59 -23.54
CA THR A 670 19.00 -6.80 -24.46
C THR A 670 17.92 -6.08 -23.67
N LEU A 671 17.14 -6.86 -22.94
CA LEU A 671 16.03 -6.34 -22.16
C LEU A 671 16.55 -5.34 -21.14
N MET A 672 17.63 -5.73 -20.46
CA MET A 672 18.29 -4.89 -19.47
C MET A 672 18.61 -3.50 -20.00
N TYR A 673 19.09 -3.45 -21.24
CA TYR A 673 19.39 -2.20 -21.92
C TYR A 673 18.13 -1.36 -22.11
N GLN A 674 17.04 -2.03 -22.50
CA GLN A 674 15.74 -1.38 -22.65
C GLN A 674 15.20 -0.87 -21.31
N CYS A 675 15.45 -1.65 -20.25
CA CYS A 675 15.03 -1.32 -18.89
C CYS A 675 15.78 -0.13 -18.30
N MET A 676 17.04 0.06 -18.70
CA MET A 676 17.86 1.17 -18.21
C MET A 676 17.39 2.52 -18.77
N GLN A 677 16.36 2.48 -19.61
CA GLN A 677 15.84 3.67 -20.27
C GLN A 677 14.38 3.94 -19.97
N ASP A 678 13.72 2.97 -19.32
CA ASP A 678 12.32 3.08 -18.93
C ASP A 678 12.05 4.38 -18.16
N LYS A 679 10.95 5.05 -18.49
CA LYS A 679 10.58 6.34 -17.89
C LYS A 679 10.53 6.29 -16.36
N MET A 680 10.14 5.14 -15.82
CA MET A 680 10.04 4.92 -14.38
C MET A 680 11.41 4.74 -13.74
N PRO A 681 11.78 5.63 -12.81
CA PRO A 681 13.07 5.57 -12.11
C PRO A 681 13.22 4.42 -11.09
N GLU A 682 12.27 3.49 -11.05
CA GLU A 682 12.42 2.30 -10.20
C GLU A 682 12.95 1.15 -11.03
N VAL A 683 12.61 1.15 -12.31
CA VAL A 683 13.02 0.10 -13.22
C VAL A 683 14.51 0.29 -13.55
N ARG A 684 14.88 1.50 -13.97
CA ARG A 684 16.29 1.83 -14.23
C ARG A 684 17.14 1.48 -13.01
N GLN A 685 16.62 1.84 -11.84
CA GLN A 685 17.25 1.55 -10.55
C GLN A 685 17.53 0.05 -10.34
N SER A 686 16.49 -0.77 -10.47
CA SER A 686 16.61 -2.22 -10.24
C SER A 686 17.48 -2.91 -11.27
N SER A 687 17.51 -2.37 -12.49
CA SER A 687 18.21 -2.98 -13.61
C SER A 687 19.67 -2.58 -13.67
N PHE A 688 20.00 -1.41 -13.11
CA PHE A 688 21.41 -1.01 -12.95
C PHE A 688 22.07 -1.94 -11.94
N ALA A 689 21.31 -2.30 -10.91
CA ALA A 689 21.75 -3.27 -9.91
C ALA A 689 22.07 -4.61 -10.54
N LEU A 690 21.27 -5.03 -11.51
CA LEU A 690 21.48 -6.31 -12.17
C LEU A 690 22.76 -6.25 -12.99
N LEU A 691 22.98 -5.10 -13.61
CA LEU A 691 24.19 -4.87 -14.42
C LEU A 691 25.44 -5.11 -13.60
N GLY A 692 25.53 -4.46 -12.44
CA GLY A 692 26.64 -4.68 -11.53
C GLY A 692 26.74 -6.15 -11.17
N ASP A 693 25.61 -6.72 -10.77
CA ASP A 693 25.52 -8.14 -10.37
C ASP A 693 25.99 -9.12 -11.45
N LEU A 694 25.75 -8.76 -12.71
CA LEU A 694 26.15 -9.60 -13.83
C LEU A 694 27.62 -9.36 -14.17
N THR A 695 28.05 -8.11 -14.07
CA THR A 695 29.45 -7.73 -14.26
C THR A 695 30.33 -8.59 -13.34
N LYS A 696 29.96 -8.61 -12.06
CA LYS A 696 30.65 -9.36 -11.04
C LYS A 696 30.61 -10.87 -11.33
N ALA A 697 29.40 -11.39 -11.59
CA ALA A 697 29.16 -12.83 -11.65
C ALA A 697 29.72 -13.51 -12.91
N CYS A 698 29.40 -12.96 -14.08
CA CYS A 698 29.87 -13.50 -15.36
C CYS A 698 30.12 -12.40 -16.40
N PHE A 699 31.21 -11.66 -16.22
CA PHE A 699 31.51 -10.51 -17.09
C PHE A 699 31.74 -10.88 -18.55
N GLN A 700 32.08 -12.14 -18.80
CA GLN A 700 32.30 -12.67 -20.15
C GLN A 700 31.12 -12.38 -21.10
N HIS A 701 29.90 -12.48 -20.60
CA HIS A 701 28.72 -12.27 -21.42
C HIS A 701 28.30 -10.80 -21.49
N VAL A 702 28.78 -10.01 -20.54
CA VAL A 702 28.48 -8.57 -20.48
C VAL A 702 29.37 -7.75 -21.43
N LYS A 703 30.67 -8.03 -21.41
CA LYS A 703 31.71 -7.28 -22.15
C LYS A 703 31.31 -6.75 -23.55
N PRO A 704 30.74 -7.62 -24.42
CA PRO A 704 30.31 -7.15 -25.74
C PRO A 704 29.15 -6.14 -25.73
N CYS A 705 28.93 -5.50 -24.59
CA CYS A 705 27.86 -4.51 -24.46
C CYS A 705 28.31 -3.23 -23.74
N ILE A 706 29.51 -3.27 -23.15
CA ILE A 706 30.06 -2.15 -22.41
C ILE A 706 30.06 -0.85 -23.23
N ALA A 707 30.14 -1.01 -24.55
CA ALA A 707 30.01 0.11 -25.48
C ALA A 707 28.66 0.82 -25.33
N ASP A 708 27.57 0.05 -25.20
CA ASP A 708 26.22 0.60 -25.11
C ASP A 708 25.84 1.06 -23.70
N PHE A 709 26.21 0.26 -22.70
CA PHE A 709 25.81 0.48 -21.30
C PHE A 709 26.37 1.77 -20.72
N MET A 710 27.69 1.93 -20.83
CA MET A 710 28.42 3.08 -20.29
C MET A 710 27.79 4.45 -20.56
N PRO A 711 27.48 4.77 -21.84
CA PRO A 711 26.73 5.98 -22.15
C PRO A 711 25.45 6.14 -21.31
N ILE A 712 24.57 5.13 -21.30
CA ILE A 712 23.32 5.22 -20.52
C ILE A 712 23.64 5.42 -19.04
N LEU A 713 24.62 4.67 -18.55
CA LEU A 713 25.12 4.87 -17.18
C LEU A 713 25.61 6.30 -16.99
N GLY A 714 26.24 6.84 -18.02
CA GLY A 714 26.76 8.21 -18.01
C GLY A 714 25.63 9.22 -17.90
N THR A 715 24.66 9.11 -18.78
CA THR A 715 23.50 10.01 -18.79
C THR A 715 22.53 9.76 -17.62
N ASN A 716 22.69 8.63 -16.96
CA ASN A 716 21.87 8.27 -15.80
C ASN A 716 22.63 8.44 -14.47
N LEU A 717 23.62 9.31 -14.48
CA LEU A 717 24.43 9.59 -13.29
C LEU A 717 23.91 10.86 -12.57
N ASN A 718 22.59 10.89 -12.37
CA ASN A 718 21.88 12.06 -11.84
C ASN A 718 21.53 11.90 -10.36
N PRO A 719 22.06 12.81 -9.52
CA PRO A 719 21.96 12.73 -8.06
C PRO A 719 20.55 12.94 -7.51
N GLU A 720 19.67 13.56 -8.29
CA GLU A 720 18.30 13.81 -7.84
C GLU A 720 17.51 12.52 -7.67
N PHE A 721 17.88 11.51 -8.46
CA PHE A 721 17.35 10.17 -8.30
C PHE A 721 18.39 9.33 -7.55
N ILE A 722 18.27 9.34 -6.22
CA ILE A 722 19.25 8.73 -5.30
C ILE A 722 19.56 7.27 -5.62
N SER A 723 18.60 6.38 -5.35
CA SER A 723 18.73 4.94 -5.58
C SER A 723 19.15 4.61 -7.00
N VAL A 724 18.61 5.34 -7.96
CA VAL A 724 18.99 5.17 -9.36
C VAL A 724 20.46 5.48 -9.57
N CYS A 725 20.88 6.67 -9.12
CA CYS A 725 22.26 7.12 -9.27
C CYS A 725 23.25 6.22 -8.53
N ASN A 726 22.87 5.84 -7.32
CA ASN A 726 23.62 4.91 -6.50
C ASN A 726 23.99 3.66 -7.29
N ASN A 727 22.97 2.95 -7.76
CA ASN A 727 23.15 1.71 -8.53
C ASN A 727 23.85 1.91 -9.86
N ALA A 728 23.76 3.13 -10.39
CA ALA A 728 24.49 3.50 -11.60
C ALA A 728 25.97 3.68 -11.29
N THR A 729 26.24 4.50 -10.28
CA THR A 729 27.59 4.67 -9.76
C THR A 729 28.22 3.30 -9.45
N TRP A 730 27.48 2.46 -8.73
CA TRP A 730 27.97 1.15 -8.31
C TRP A 730 28.29 0.20 -9.48
N ALA A 731 27.45 0.24 -10.53
CA ALA A 731 27.66 -0.58 -11.72
C ALA A 731 29.00 -0.23 -12.35
N ILE A 732 29.19 1.06 -12.68
CA ILE A 732 30.45 1.59 -13.20
C ILE A 732 31.65 1.00 -12.44
N GLY A 733 31.73 1.30 -11.15
CA GLY A 733 32.80 0.81 -10.27
C GLY A 733 33.07 -0.67 -10.41
N GLU A 734 32.01 -1.47 -10.46
CA GLU A 734 32.11 -2.91 -10.64
C GLU A 734 32.66 -3.30 -12.01
N ILE A 735 32.32 -2.50 -13.03
CA ILE A 735 32.74 -2.76 -14.41
C ILE A 735 34.23 -2.48 -14.63
N SER A 736 34.68 -1.31 -14.19
CA SER A 736 36.06 -0.88 -14.39
C SER A 736 37.07 -1.91 -13.91
N ILE A 737 36.82 -2.48 -12.75
CA ILE A 737 37.68 -3.53 -12.18
C ILE A 737 37.77 -4.75 -13.10
N GLN A 738 36.67 -5.05 -13.79
CA GLN A 738 36.63 -6.18 -14.71
C GLN A 738 37.24 -5.85 -16.08
N MET A 739 37.06 -4.60 -16.52
CA MET A 739 37.54 -4.15 -17.81
C MET A 739 39.04 -3.92 -17.87
N GLY A 740 39.65 -3.65 -16.71
CA GLY A 740 41.09 -3.39 -16.62
C GLY A 740 41.47 -2.13 -17.37
N ILE A 741 42.57 -2.21 -18.13
CA ILE A 741 43.06 -1.07 -18.92
C ILE A 741 42.12 -0.70 -20.07
N GLU A 742 41.30 -1.65 -20.49
CA GLU A 742 40.35 -1.48 -21.59
C GLU A 742 39.23 -0.49 -21.26
N MET A 743 39.11 -0.11 -19.99
CA MET A 743 38.08 0.82 -19.52
C MET A 743 38.42 2.28 -19.81
N GLN A 744 39.57 2.49 -20.44
CA GLN A 744 40.13 3.82 -20.68
C GLN A 744 39.20 4.82 -21.40
N PRO A 745 38.59 4.42 -22.55
CA PRO A 745 37.83 5.40 -23.33
C PRO A 745 36.63 5.97 -22.58
N TYR A 746 36.11 5.20 -21.63
CA TYR A 746 34.86 5.52 -20.96
C TYR A 746 35.04 6.41 -19.73
N ILE A 747 36.29 6.61 -19.33
CA ILE A 747 36.60 7.40 -18.14
C ILE A 747 36.04 8.84 -18.19
N PRO A 748 36.40 9.64 -19.23
CA PRO A 748 36.07 11.07 -19.22
C PRO A 748 34.58 11.43 -19.15
N MET A 749 33.72 10.56 -19.68
CA MET A 749 32.27 10.82 -19.72
C MET A 749 31.59 10.78 -18.35
N VAL A 750 31.98 9.81 -17.52
CA VAL A 750 31.39 9.64 -16.18
C VAL A 750 32.16 10.38 -15.09
N LEU A 751 33.46 10.54 -15.27
CA LEU A 751 34.36 11.05 -14.23
C LEU A 751 34.04 12.47 -13.75
N HIS A 752 33.80 13.38 -14.69
CA HIS A 752 33.55 14.78 -14.37
C HIS A 752 32.29 14.99 -13.51
N GLN A 753 31.33 14.08 -13.67
CA GLN A 753 30.09 14.12 -12.90
C GLN A 753 30.26 13.52 -11.50
N LEU A 754 31.03 12.43 -11.41
CA LEU A 754 31.32 11.76 -10.13
C LEU A 754 32.11 12.64 -9.16
N VAL A 755 33.02 13.45 -9.69
CA VAL A 755 33.77 14.43 -8.89
C VAL A 755 32.84 15.56 -8.45
N GLU A 756 31.87 15.89 -9.30
CA GLU A 756 30.86 16.90 -8.96
C GLU A 756 29.86 16.38 -7.92
N ILE A 757 29.54 15.08 -8.00
CA ILE A 757 28.64 14.43 -7.03
C ILE A 757 29.32 14.22 -5.67
N ILE A 758 30.63 13.96 -5.70
CA ILE A 758 31.38 13.74 -4.47
C ILE A 758 31.70 15.05 -3.73
N ASN A 759 31.81 16.14 -4.47
CA ASN A 759 32.00 17.48 -3.89
C ASN A 759 30.67 18.23 -3.73
N ARG A 760 29.58 17.46 -3.68
CA ARG A 760 28.23 18.00 -3.56
C ARG A 760 27.78 18.04 -2.10
N PRO A 761 27.10 19.14 -1.68
CA PRO A 761 26.56 19.19 -0.32
C PRO A 761 25.25 18.41 -0.22
N ASN A 762 24.88 18.05 1.01
CA ASN A 762 23.65 17.29 1.28
C ASN A 762 23.41 16.12 0.32
N THR A 763 24.26 15.11 0.45
CA THR A 763 24.18 13.90 -0.37
C THR A 763 24.17 12.68 0.57
N PRO A 764 23.15 11.81 0.43
CA PRO A 764 23.04 10.57 1.22
C PRO A 764 24.37 9.82 1.27
N LYS A 765 24.83 9.53 2.49
CA LYS A 765 26.19 9.03 2.72
C LYS A 765 26.55 7.81 1.88
N THR A 766 25.57 6.91 1.67
CA THR A 766 25.78 5.69 0.90
C THR A 766 25.99 5.93 -0.60
N LEU A 767 25.36 6.97 -1.14
CA LEU A 767 25.63 7.39 -2.52
C LEU A 767 27.02 8.03 -2.57
N LEU A 768 27.33 8.82 -1.55
CA LEU A 768 28.63 9.47 -1.43
C LEU A 768 29.74 8.43 -1.29
N GLU A 769 29.49 7.43 -0.45
CA GLU A 769 30.42 6.31 -0.24
C GLU A 769 30.68 5.52 -1.52
N ASN A 770 29.61 5.18 -2.22
CA ASN A 770 29.72 4.44 -3.47
C ASN A 770 30.46 5.20 -4.55
N THR A 771 30.28 6.53 -4.57
CA THR A 771 30.99 7.39 -5.52
C THR A 771 32.48 7.36 -5.23
N ALA A 772 32.82 7.49 -3.94
CA ALA A 772 34.20 7.39 -3.48
C ALA A 772 34.81 6.04 -3.82
N ILE A 773 34.03 4.97 -3.66
CA ILE A 773 34.48 3.63 -4.06
C ILE A 773 34.66 3.52 -5.58
N THR A 774 33.71 4.06 -6.34
CA THR A 774 33.74 4.00 -7.80
C THR A 774 34.91 4.81 -8.39
N ILE A 775 35.04 6.07 -7.95
CA ILE A 775 36.14 6.94 -8.38
C ILE A 775 37.50 6.27 -8.20
N GLY A 776 37.72 5.69 -7.02
CA GLY A 776 38.96 4.96 -6.72
C GLY A 776 39.17 3.76 -7.62
N ARG A 777 38.08 3.08 -7.97
CA ARG A 777 38.13 1.88 -8.82
C ARG A 777 38.50 2.16 -10.27
N LEU A 778 38.26 3.39 -10.72
CA LEU A 778 38.65 3.80 -12.08
C LEU A 778 40.14 4.13 -12.10
N GLY A 779 40.59 4.89 -11.11
CA GLY A 779 42.00 5.29 -11.01
C GLY A 779 42.91 4.20 -10.49
N TYR A 780 42.47 2.95 -10.60
CA TYR A 780 43.30 1.79 -10.30
C TYR A 780 43.60 1.06 -11.62
N VAL A 781 42.61 1.04 -12.51
CA VAL A 781 42.75 0.39 -13.81
C VAL A 781 43.18 1.38 -14.91
N CYS A 782 42.74 2.62 -14.78
CA CYS A 782 43.13 3.70 -15.68
C CYS A 782 43.57 4.93 -14.90
N PRO A 783 44.68 4.82 -14.12
CA PRO A 783 45.09 5.92 -13.24
C PRO A 783 45.42 7.22 -13.98
N GLN A 784 45.90 7.11 -15.22
CA GLN A 784 46.30 8.28 -16.01
C GLN A 784 45.17 9.29 -16.27
N GLU A 785 43.92 8.82 -16.23
CA GLU A 785 42.75 9.67 -16.46
C GLU A 785 42.13 10.23 -15.18
N VAL A 786 42.23 9.46 -14.10
CA VAL A 786 41.58 9.82 -12.84
C VAL A 786 42.53 10.54 -11.87
N ALA A 787 43.81 10.19 -11.92
CA ALA A 787 44.82 10.73 -11.00
C ALA A 787 45.02 12.25 -11.08
N PRO A 788 44.95 12.85 -12.30
CA PRO A 788 45.12 14.31 -12.39
C PRO A 788 43.98 15.12 -11.76
N MET A 789 43.13 14.46 -10.97
CA MET A 789 42.00 15.11 -10.32
C MET A 789 42.15 15.19 -8.81
N LEU A 790 43.00 14.32 -8.26
CA LEU A 790 43.20 14.13 -6.81
C LEU A 790 42.89 15.31 -5.89
N GLN A 791 43.39 16.50 -6.25
CA GLN A 791 43.24 17.70 -5.42
C GLN A 791 41.78 17.93 -5.03
N GLN A 792 40.93 18.03 -6.06
CA GLN A 792 39.52 18.36 -5.89
C GLN A 792 38.67 17.28 -5.21
N PHE A 793 39.10 16.01 -5.31
CA PHE A 793 38.31 14.93 -4.74
C PHE A 793 38.87 14.21 -3.50
N ILE A 794 40.10 14.52 -3.12
CA ILE A 794 40.74 13.83 -1.97
C ILE A 794 40.08 14.13 -0.61
N ARG A 795 39.52 15.33 -0.45
CA ARG A 795 38.91 15.76 0.82
C ARG A 795 37.68 14.92 1.21
N PRO A 796 36.60 14.94 0.38
CA PRO A 796 35.42 14.16 0.75
C PRO A 796 35.60 12.64 0.60
N TRP A 797 36.52 12.22 -0.28
CA TRP A 797 36.81 10.80 -0.49
C TRP A 797 37.30 10.17 0.83
N CYS A 798 38.26 10.83 1.48
CA CYS A 798 38.77 10.40 2.76
C CYS A 798 37.71 10.56 3.85
N THR A 799 36.97 11.66 3.77
CA THR A 799 35.92 11.97 4.75
C THR A 799 34.78 10.94 4.65
N SER A 800 34.66 10.31 3.49
CA SER A 800 33.61 9.33 3.24
C SER A 800 34.03 7.92 3.66
N LEU A 801 35.18 7.49 3.16
CA LEU A 801 35.61 6.10 3.31
C LEU A 801 36.22 5.73 4.65
N ARG A 802 36.47 6.73 5.50
CA ARG A 802 37.01 6.50 6.84
C ARG A 802 35.98 5.84 7.77
N ASN A 803 34.71 5.91 7.37
CA ASN A 803 33.61 5.38 8.17
C ASN A 803 33.15 3.99 7.74
N ILE A 804 33.52 3.58 6.54
CA ILE A 804 33.17 2.24 6.06
C ILE A 804 34.12 1.18 6.63
N ARG A 805 33.57 0.00 6.90
CA ARG A 805 34.32 -1.13 7.49
C ARG A 805 35.37 -1.66 6.52
N ASP A 806 36.32 -2.44 7.04
CA ASP A 806 37.46 -2.92 6.25
C ASP A 806 37.11 -4.06 5.31
N ASN A 807 36.17 -3.82 4.40
CA ASN A 807 35.71 -4.84 3.47
C ASN A 807 36.34 -4.70 2.08
N GLU A 808 36.06 -5.66 1.21
CA GLU A 808 36.64 -5.72 -0.15
C GLU A 808 36.50 -4.42 -0.94
N GLU A 809 35.40 -3.72 -0.70
CA GLU A 809 35.09 -2.44 -1.35
C GLU A 809 36.11 -1.38 -0.94
N LYS A 810 36.39 -1.30 0.35
CA LYS A 810 37.36 -0.35 0.91
C LYS A 810 38.76 -0.60 0.35
N ASP A 811 39.22 -1.86 0.41
CA ASP A 811 40.51 -2.27 -0.16
C ASP A 811 40.62 -1.82 -1.60
N SER A 812 39.66 -2.25 -2.42
CA SER A 812 39.59 -1.89 -3.83
C SER A 812 39.69 -0.38 -4.05
N ALA A 813 39.04 0.39 -3.18
CA ALA A 813 39.04 1.84 -3.28
C ALA A 813 40.38 2.47 -2.89
N PHE A 814 41.00 1.94 -1.85
CA PHE A 814 42.29 2.47 -1.35
C PHE A 814 43.49 2.04 -2.21
N ARG A 815 43.48 0.80 -2.67
CA ARG A 815 44.45 0.32 -3.68
C ARG A 815 44.52 1.32 -4.83
N GLY A 816 43.35 1.87 -5.18
CA GLY A 816 43.21 2.81 -6.29
C GLY A 816 43.68 4.22 -5.97
N ILE A 817 43.47 4.67 -4.73
CA ILE A 817 43.97 5.97 -4.30
C ILE A 817 45.50 5.93 -4.27
N CYS A 818 46.07 4.84 -3.77
CA CYS A 818 47.52 4.62 -3.73
C CYS A 818 48.14 4.71 -5.13
N THR A 819 47.54 4.00 -6.08
CA THR A 819 47.97 4.00 -7.48
C THR A 819 47.95 5.42 -8.03
N MET A 820 46.86 6.14 -7.79
CA MET A 820 46.72 7.52 -8.25
C MET A 820 47.78 8.42 -7.61
N ILE A 821 48.05 8.22 -6.32
CA ILE A 821 49.08 9.00 -5.61
C ILE A 821 50.48 8.70 -6.15
N SER A 822 50.76 7.42 -6.42
CA SER A 822 52.04 7.02 -7.00
C SER A 822 52.32 7.73 -8.34
N VAL A 823 51.25 7.98 -9.09
CA VAL A 823 51.31 8.65 -10.40
C VAL A 823 51.22 10.19 -10.29
N ASN A 824 50.34 10.66 -9.41
CA ASN A 824 50.19 12.09 -9.12
C ASN A 824 50.44 12.34 -7.62
N PRO A 825 51.72 12.41 -7.22
CA PRO A 825 52.05 12.60 -5.81
C PRO A 825 52.03 14.08 -5.39
N SER A 826 51.20 14.87 -6.09
CA SER A 826 51.10 16.31 -5.84
C SER A 826 49.75 16.69 -5.23
N GLY A 827 48.68 16.13 -5.79
CA GLY A 827 47.31 16.42 -5.37
C GLY A 827 46.98 16.11 -3.91
N VAL A 828 47.71 15.13 -3.35
CA VAL A 828 47.51 14.69 -1.97
C VAL A 828 48.28 15.54 -0.96
N ILE A 829 49.46 16.03 -1.36
CA ILE A 829 50.32 16.81 -0.45
C ILE A 829 49.65 18.07 0.13
N GLN A 830 48.71 18.65 -0.61
CA GLN A 830 47.89 19.76 -0.11
C GLN A 830 46.97 19.35 1.05
N ASP A 831 46.30 18.21 0.92
CA ASP A 831 45.37 17.71 1.94
C ASP A 831 45.80 16.34 2.45
N PHE A 832 47.04 16.21 2.88
CA PHE A 832 47.55 14.91 3.34
C PHE A 832 46.99 14.52 4.71
N ILE A 833 46.63 15.53 5.51
CA ILE A 833 46.07 15.31 6.84
C ILE A 833 44.83 14.40 6.79
N PHE A 834 44.11 14.44 5.67
CA PHE A 834 42.96 13.58 5.46
C PHE A 834 43.38 12.17 5.09
N PHE A 835 44.45 12.05 4.30
CA PHE A 835 44.97 10.76 3.88
C PHE A 835 45.43 9.93 5.07
N CYS A 836 45.90 10.60 6.12
CA CYS A 836 46.28 9.92 7.34
C CYS A 836 45.04 9.36 8.01
N ASP A 837 44.06 10.23 8.22
CA ASP A 837 42.83 9.85 8.91
C ASP A 837 42.05 8.77 8.16
N ALA A 838 42.19 8.74 6.83
CA ALA A 838 41.56 7.72 6.01
C ALA A 838 42.28 6.37 6.17
N VAL A 839 43.60 6.44 6.32
CA VAL A 839 44.44 5.25 6.49
C VAL A 839 44.41 4.80 7.96
N ALA A 840 44.18 5.76 8.86
CA ALA A 840 44.14 5.48 10.29
C ALA A 840 42.97 4.57 10.65
N SER A 841 41.88 4.68 9.88
CA SER A 841 40.65 3.93 10.14
C SER A 841 40.81 2.42 9.94
N TRP A 842 41.75 2.02 9.09
CA TRP A 842 42.01 0.61 8.82
C TRP A 842 42.41 -0.18 10.07
N ILE A 843 41.62 -1.21 10.39
CA ILE A 843 41.91 -2.12 11.50
C ILE A 843 42.67 -3.33 10.97
N ASN A 844 42.26 -3.82 9.80
CA ASN A 844 42.86 -5.01 9.22
C ASN A 844 43.21 -4.80 7.73
N PRO A 845 44.26 -4.02 7.43
CA PRO A 845 44.69 -3.89 6.04
C PRO A 845 45.50 -5.09 5.56
N LYS A 846 45.42 -5.37 4.27
CA LYS A 846 46.12 -6.50 3.66
C LYS A 846 47.63 -6.28 3.57
N ASP A 847 48.40 -7.35 3.74
CA ASP A 847 49.86 -7.31 3.75
C ASP A 847 50.46 -6.24 2.84
N ASP A 848 50.07 -6.28 1.55
CA ASP A 848 50.63 -5.39 0.54
C ASP A 848 50.09 -3.96 0.63
N LEU A 849 48.80 -3.83 0.94
CA LEU A 849 48.17 -2.51 1.11
C LEU A 849 48.77 -1.77 2.31
N ARG A 850 49.23 -2.54 3.29
CA ARG A 850 50.07 -2.03 4.37
C ARG A 850 51.30 -1.34 3.79
N ASP A 851 52.11 -2.10 3.04
CA ASP A 851 53.33 -1.59 2.43
C ASP A 851 53.06 -0.39 1.55
N MET A 852 51.86 -0.35 0.94
CA MET A 852 51.43 0.76 0.09
C MET A 852 51.25 2.04 0.90
N PHE A 853 50.74 1.89 2.12
CA PHE A 853 50.49 3.04 2.98
C PHE A 853 51.80 3.55 3.55
N CYS A 854 52.72 2.63 3.85
CA CYS A 854 54.05 2.99 4.31
C CYS A 854 54.75 3.83 3.26
N LYS A 855 55.05 3.22 2.12
CA LYS A 855 55.61 3.91 0.95
C LYS A 855 55.19 5.37 0.90
N ILE A 856 53.89 5.62 1.07
CA ILE A 856 53.33 6.96 1.02
C ILE A 856 53.63 7.74 2.31
N LEU A 857 53.12 7.28 3.44
CA LEU A 857 53.36 7.94 4.74
C LEU A 857 54.85 8.19 5.03
N HIS A 858 55.70 7.27 4.59
CA HIS A 858 57.14 7.37 4.75
C HIS A 858 57.78 8.32 3.75
N GLY A 859 57.68 7.98 2.47
CA GLY A 859 58.33 8.74 1.40
C GLY A 859 57.86 10.18 1.29
N PHE A 860 56.70 10.45 1.89
CA PHE A 860 56.08 11.78 1.84
C PHE A 860 56.20 12.47 3.21
N LYS A 861 56.89 11.79 4.13
CA LYS A 861 57.44 12.39 5.35
C LYS A 861 58.90 12.75 5.07
N ASN A 862 59.57 11.90 4.28
CA ASN A 862 60.93 12.15 3.81
C ASN A 862 61.00 13.34 2.86
N GLN A 863 59.91 13.58 2.14
CA GLN A 863 59.81 14.72 1.23
C GLN A 863 59.53 16.04 1.96
N VAL A 864 59.34 15.97 3.28
CA VAL A 864 59.06 17.16 4.10
C VAL A 864 60.01 17.33 5.31
N GLY A 865 60.67 16.23 5.71
CA GLY A 865 61.65 16.27 6.80
C GLY A 865 61.14 15.72 8.12
N ASP A 866 62.07 15.45 9.03
CA ASP A 866 61.74 14.90 10.35
C ASP A 866 61.02 15.90 11.26
N GLU A 867 61.41 17.17 11.16
CA GLU A 867 60.85 18.23 12.01
C GLU A 867 59.53 18.82 11.50
N ASN A 868 59.29 18.72 10.19
CA ASN A 868 58.00 19.12 9.61
C ASN A 868 56.87 18.14 9.98
N TRP A 869 57.20 16.84 9.91
CA TRP A 869 56.26 15.77 10.23
C TRP A 869 55.84 15.80 11.70
N ARG A 870 56.80 16.05 12.58
CA ARG A 870 56.52 16.22 14.01
C ARG A 870 55.41 17.26 14.21
N ARG A 871 55.58 18.41 13.55
CA ARG A 871 54.61 19.51 13.61
C ARG A 871 53.30 19.18 12.89
N PHE A 872 53.40 18.31 11.88
CA PHE A 872 52.25 17.87 11.08
C PHE A 872 51.33 16.94 11.89
N SER A 873 51.92 16.08 12.71
CA SER A 873 51.18 15.06 13.44
C SER A 873 50.83 15.47 14.88
N ASP A 874 50.57 16.77 15.07
CA ASP A 874 50.17 17.29 16.37
C ASP A 874 48.66 17.17 16.58
N GLN A 875 47.90 17.43 15.52
CA GLN A 875 46.43 17.43 15.58
C GLN A 875 45.84 16.02 15.60
N PHE A 876 46.67 15.04 15.98
CA PHE A 876 46.31 13.64 15.97
C PHE A 876 45.82 13.20 17.36
N PRO A 877 44.61 12.62 17.44
CA PRO A 877 44.14 12.00 18.69
C PRO A 877 45.04 10.83 19.10
N LEU A 878 45.00 10.48 20.39
CA LEU A 878 45.80 9.39 20.94
C LEU A 878 45.61 8.06 20.18
N PRO A 879 44.35 7.65 19.91
CA PRO A 879 44.11 6.49 19.02
C PRO A 879 44.73 6.61 17.62
N LEU A 880 44.72 7.81 17.03
CA LEU A 880 45.23 8.02 15.67
C LEU A 880 46.76 8.07 15.61
N LYS A 881 47.36 8.99 16.36
CA LYS A 881 48.81 9.20 16.33
C LYS A 881 49.55 7.93 16.73
N GLU A 882 49.07 7.30 17.80
CA GLU A 882 49.66 6.07 18.32
C GLU A 882 49.39 4.89 17.39
N ARG A 883 48.46 5.06 16.47
CA ARG A 883 48.07 4.02 15.54
C ARG A 883 48.94 4.02 14.30
N LEU A 884 49.14 5.21 13.74
CA LEU A 884 49.99 5.40 12.56
C LEU A 884 51.47 5.15 12.87
N ALA A 885 51.85 5.40 14.12
CA ALA A 885 53.18 5.11 14.64
C ALA A 885 53.37 3.61 14.89
N ALA A 886 52.32 2.95 15.36
CA ALA A 886 52.39 1.51 15.66
C ALA A 886 52.26 0.64 14.41
N PHE A 887 51.59 1.16 13.39
CA PHE A 887 51.29 0.39 12.21
C PHE A 887 52.34 0.56 11.11
N TYR A 888 52.73 1.80 10.84
CA TYR A 888 53.49 2.13 9.63
C TYR A 888 54.89 2.65 9.89
N GLY A 889 55.28 2.73 11.17
CA GLY A 889 56.53 3.38 11.54
C GLY A 889 56.37 4.87 11.37
N VAL A 890 55.41 5.44 12.11
CA VAL A 890 55.03 6.85 12.05
C VAL A 890 55.01 7.41 10.62
N UNK B 1 -3.68 -7.78 1.12
CA UNK B 1 -3.69 -7.21 2.50
C UNK B 1 -2.58 -7.77 3.40
N UNK B 2 -1.63 -8.49 2.78
CA UNK B 2 -0.50 -9.15 3.48
C UNK B 2 -0.97 -10.05 4.63
N UNK B 3 -0.43 -9.81 5.83
CA UNK B 3 -0.78 -10.58 7.02
C UNK B 3 -2.15 -10.17 7.56
N UNK B 4 -2.69 -10.91 8.53
CA UNK B 4 -4.02 -10.62 9.10
C UNK B 4 -3.96 -9.52 10.15
N UNK B 5 -4.78 -8.49 9.98
CA UNK B 5 -4.91 -7.45 10.99
C UNK B 5 -6.38 -7.36 11.43
N UNK B 6 -6.60 -7.36 12.74
CA UNK B 6 -7.94 -7.47 13.31
C UNK B 6 -8.95 -6.40 12.82
N UNK B 7 -8.45 -5.18 12.64
CA UNK B 7 -9.20 -4.05 12.10
C UNK B 7 -8.22 -3.27 11.19
N UNK B 8 -8.56 -2.04 10.80
CA UNK B 8 -7.68 -1.25 9.91
C UNK B 8 -7.86 0.26 10.09
N UNK B 9 -6.77 1.02 10.05
CA UNK B 9 -6.87 2.48 10.15
C UNK B 9 -7.77 3.05 9.01
N UNK B 10 -8.92 2.20 8.76
CA UNK B 10 -9.93 2.51 7.73
C UNK B 10 -9.15 2.98 6.25
#